data_4C83
#
_entry.id   4C83
#
_cell.length_a   62.628
_cell.length_b   64.192
_cell.length_c   64.403
_cell.angle_alpha   87.51
_cell.angle_beta   89.82
_cell.angle_gamma   73.41
#
_symmetry.space_group_name_H-M   'P 1'
#
loop_
_entity.id
_entity.type
_entity.pdbx_description
1 polymer 'LPT3 HEAVY CHAIN'
2 polymer 'LPT3 LIGHT CHAIN'
3 branched '2-acetamido-2-deoxy-alpha-D-glucopyranose-(1-2)-L-glycero-alpha-D-manno-heptopyranose-(1-3)-[beta-D-glucopyranose-(1-4)]L-glycero-alpha-D-manno-heptopyranose-(1-5)-3-deoxy-alpha-D-manno-oct-2-ulopyranosonic acid'
4 non-polymer 'SULFATE ION'
5 water water
#
loop_
_entity_poly.entity_id
_entity_poly.type
_entity_poly.pdbx_seq_one_letter_code
_entity_poly.pdbx_strand_id
1 'polypeptide(L)'
;DVQLVESGGGLVQPGGSRKLSCAASGFTFRRFGMHWVRQSPEKGLEWVAYIGGGSSTIYYADTVKGRFTISRDNPKNTLF
LQMTSLRSEDTAMYYCTRDETGSWFAYWGQGTLVTVSAAKTTAPSVYPLAPVCGDTTGSSVTLGCLVKGYFPEPVTLTWN
SGSLSSGVHTFPAVLQSDLYTLSSSVTVTSSTWPSQSITCNVAHPASSTKVDKKIEPRVP
;
A,C
2 'polypeptide(L)'
;QIVLSQSPAIMSASPGEKVTMTCSASSSVRYMHWYQQKSGTSPKRWIYDTSKLASGVPTRFSGSGSGTSYSLPISSMEAE
DGASYYCQQWNGYPPLTFGGGTKLEMKRADAAPTVSIFPPSSEQLTSGGASVVCFLNNFYPKDINVKWKIDGSERQNGVL
NSWTDQDSKDSTYSMSSTLTLTKDEYERHNSYTCEATHKTSTSPIVKSFNRNEC
;
B,D
#
loop_
_chem_comp.id
_chem_comp.type
_chem_comp.name
_chem_comp.formula
BGC D-saccharide, beta linking beta-D-glucopyranose 'C6 H12 O6'
GMH D-saccharide, alpha linking L-glycero-alpha-D-manno-heptopyranose 'C7 H14 O7'
KDO D-saccharide, alpha linking '3-deoxy-alpha-D-manno-oct-2-ulopyranosonic acid' 'C8 H14 O8'
NDG D-saccharide, alpha linking 2-acetamido-2-deoxy-alpha-D-glucopyranose 'C8 H15 N O6'
SO4 non-polymer 'SULFATE ION' 'O4 S -2'
#
# COMPACT_ATOMS: atom_id res chain seq x y z
N VAL A 2 24.65 -9.04 -35.18
CA VAL A 2 24.83 -7.63 -35.65
C VAL A 2 23.58 -6.83 -35.36
N GLN A 3 22.45 -7.24 -35.95
CA GLN A 3 21.20 -6.50 -35.77
C GLN A 3 20.05 -7.41 -35.34
N LEU A 4 19.34 -6.99 -34.29
CA LEU A 4 18.10 -7.66 -33.89
C LEU A 4 16.99 -6.62 -33.67
N VAL A 5 15.82 -6.86 -34.24
CA VAL A 5 14.74 -5.88 -34.11
C VAL A 5 13.40 -6.49 -33.74
N GLU A 6 12.70 -5.81 -32.84
CA GLU A 6 11.50 -6.35 -32.26
C GLU A 6 10.27 -5.52 -32.58
N SER A 7 9.12 -6.19 -32.63
CA SER A 7 7.86 -5.55 -32.97
C SER A 7 6.68 -6.34 -32.37
N GLY A 8 5.48 -5.79 -32.48
CA GLY A 8 4.30 -6.45 -31.98
C GLY A 8 3.89 -5.94 -30.61
N GLY A 9 4.60 -4.94 -30.10
CA GLY A 9 4.21 -4.27 -28.88
C GLY A 9 2.92 -3.47 -29.05
N GLY A 10 2.27 -3.21 -27.93
CA GLY A 10 1.06 -2.42 -27.93
C GLY A 10 0.33 -2.55 -26.60
N LEU A 11 -0.91 -2.08 -26.57
CA LEU A 11 -1.73 -2.11 -25.37
C LEU A 11 -2.74 -3.21 -25.50
N VAL A 12 -2.81 -4.08 -24.51
CA VAL A 12 -3.76 -5.19 -24.56
C VAL A 12 -4.54 -5.32 -23.28
N GLN A 13 -5.76 -5.84 -23.38
CA GLN A 13 -6.58 -6.13 -22.21
C GLN A 13 -6.04 -7.29 -21.37
N PRO A 14 -6.27 -7.24 -20.03
CA PRO A 14 -5.87 -8.42 -19.28
C PRO A 14 -6.61 -9.65 -19.74
N GLY A 15 -5.90 -10.77 -19.82
CA GLY A 15 -6.49 -12.03 -20.25
C GLY A 15 -6.47 -12.12 -21.76
N GLY A 16 -5.92 -11.10 -22.40
CA GLY A 16 -5.83 -11.06 -23.86
C GLY A 16 -4.57 -11.74 -24.39
N SER A 17 -4.40 -11.70 -25.71
CA SER A 17 -3.26 -12.33 -26.36
C SER A 17 -2.52 -11.34 -27.29
N ARG A 18 -1.23 -11.58 -27.51
CA ARG A 18 -0.49 -10.82 -28.51
C ARG A 18 0.66 -11.66 -29.00
N LYS A 19 1.14 -11.35 -30.20
CA LYS A 19 2.29 -12.03 -30.75
C LYS A 19 3.42 -11.06 -30.95
N LEU A 20 4.61 -11.42 -30.50
CA LEU A 20 5.78 -10.58 -30.71
C LEU A 20 6.69 -11.20 -31.75
N SER A 21 7.40 -10.36 -32.50
CA SER A 21 8.32 -10.81 -33.54
C SER A 21 9.69 -10.21 -33.33
N CYS A 22 10.71 -10.98 -33.69
CA CYS A 22 12.07 -10.50 -33.71
C CYS A 22 12.67 -10.83 -35.09
N ALA A 23 13.28 -9.84 -35.75
CA ALA A 23 13.93 -10.04 -37.03
C ALA A 23 15.46 -10.01 -36.89
N ALA A 24 16.13 -11.04 -37.40
CA ALA A 24 17.57 -11.19 -37.19
C ALA A 24 18.37 -11.10 -38.47
N SER A 25 19.50 -10.42 -38.41
CA SER A 25 20.35 -10.21 -39.58
C SER A 25 21.81 -10.15 -39.14
N GLY A 26 22.72 -10.33 -40.09
CA GLY A 26 24.14 -10.19 -39.78
C GLY A 26 24.76 -11.43 -39.17
N PHE A 27 23.98 -12.50 -39.08
CA PHE A 27 24.50 -13.77 -38.61
C PHE A 27 23.60 -14.87 -39.12
N THR A 28 24.10 -16.10 -39.11
CA THR A 28 23.37 -17.21 -39.68
C THR A 28 22.46 -17.84 -38.61
N PHE A 29 21.15 -17.68 -38.81
CA PHE A 29 20.14 -17.81 -37.73
C PHE A 29 20.02 -19.21 -37.14
N ARG A 30 20.05 -20.23 -37.99
CA ARG A 30 19.83 -21.59 -37.51
C ARG A 30 20.89 -22.05 -36.47
N ARG A 31 22.10 -21.51 -36.55
CA ARG A 31 23.20 -21.95 -35.68
C ARG A 31 23.09 -21.54 -34.22
N PHE A 32 22.33 -20.47 -33.93
CA PHE A 32 22.26 -19.90 -32.57
C PHE A 32 20.92 -20.11 -31.87
N GLY A 33 20.98 -20.28 -30.54
CA GLY A 33 19.77 -20.22 -29.72
C GLY A 33 19.37 -18.78 -29.39
N MET A 34 18.07 -18.60 -29.09
CA MET A 34 17.53 -17.27 -28.85
C MET A 34 16.77 -17.20 -27.54
N HIS A 35 16.73 -16.02 -26.97
CA HIS A 35 16.07 -15.80 -25.66
C HIS A 35 15.10 -14.66 -25.77
N TRP A 36 14.12 -14.64 -24.88
CA TRP A 36 13.33 -13.44 -24.70
C TRP A 36 13.57 -12.95 -23.32
N VAL A 37 13.82 -11.67 -23.20
CA VAL A 37 14.01 -11.04 -21.89
C VAL A 37 13.13 -9.82 -21.78
N ARG A 38 12.60 -9.58 -20.58
CA ARG A 38 11.73 -8.45 -20.38
C ARG A 38 12.17 -7.59 -19.20
N GLN A 39 11.89 -6.30 -19.28
CA GLN A 39 12.29 -5.37 -18.23
C GLN A 39 11.11 -4.51 -17.79
N SER A 40 11.02 -4.28 -16.49
CA SER A 40 9.98 -3.42 -15.93
C SER A 40 10.58 -2.48 -14.89
N PRO A 41 9.89 -1.36 -14.60
CA PRO A 41 10.45 -0.36 -13.70
C PRO A 41 10.83 -0.95 -12.36
N GLU A 42 9.99 -1.84 -11.85
CA GLU A 42 10.38 -2.66 -10.72
C GLU A 42 10.18 -4.10 -11.09
N LYS A 43 10.90 -4.99 -10.42
CA LYS A 43 11.04 -6.40 -10.84
C LYS A 43 12.13 -6.55 -11.88
N GLY A 44 12.75 -5.42 -12.25
CA GLY A 44 14.04 -5.38 -12.96
C GLY A 44 14.14 -6.21 -14.23
N LEU A 45 15.19 -7.01 -14.33
CA LEU A 45 15.43 -7.85 -15.50
C LEU A 45 14.94 -9.26 -15.26
N GLU A 46 14.08 -9.77 -16.14
CA GLU A 46 13.56 -11.15 -16.05
C GLU A 46 13.73 -11.95 -17.35
N TRP A 47 14.37 -13.09 -17.27
CA TRP A 47 14.43 -14.04 -18.40
C TRP A 47 13.05 -14.60 -18.67
N VAL A 48 12.67 -14.75 -19.94
CA VAL A 48 11.34 -15.24 -20.24
C VAL A 48 11.32 -16.66 -20.84
N ALA A 49 12.02 -16.85 -21.95
CA ALA A 49 11.98 -18.13 -22.65
C ALA A 49 13.17 -18.34 -23.57
N TYR A 50 13.50 -19.61 -23.80
CA TYR A 50 14.63 -19.97 -24.65
C TYR A 50 14.25 -21.05 -25.68
N ILE A 51 14.69 -20.83 -26.93
CA ILE A 51 14.44 -21.75 -28.03
C ILE A 51 15.78 -22.11 -28.67
N GLY A 52 15.97 -23.41 -28.92
CA GLY A 52 17.21 -23.86 -29.51
C GLY A 52 17.29 -23.55 -30.99
N GLY A 53 18.46 -23.83 -31.60
CA GLY A 53 18.64 -23.60 -33.03
C GLY A 53 17.71 -24.44 -33.87
N GLY A 54 17.44 -25.66 -33.41
CA GLY A 54 16.56 -26.57 -34.11
C GLY A 54 15.18 -26.69 -33.50
N SER A 55 14.89 -25.85 -32.50
CA SER A 55 13.55 -25.88 -31.89
C SER A 55 13.36 -27.11 -31.03
N SER A 56 14.40 -27.92 -30.93
CA SER A 56 14.35 -29.15 -30.16
C SER A 56 14.18 -28.88 -28.65
N THR A 57 14.89 -27.88 -28.15
CA THR A 57 14.92 -27.61 -26.72
C THR A 57 14.26 -26.28 -26.41
N ILE A 58 13.28 -26.30 -25.51
CA ILE A 58 12.60 -25.09 -25.11
C ILE A 58 12.47 -25.01 -23.59
N TYR A 59 12.81 -23.85 -23.03
CA TYR A 59 12.65 -23.60 -21.60
C TYR A 59 11.73 -22.44 -21.41
N TYR A 60 10.86 -22.52 -20.39
CA TYR A 60 10.00 -21.39 -20.02
C TYR A 60 10.23 -20.97 -18.59
N ALA A 61 10.30 -19.67 -18.36
CA ALA A 61 10.31 -19.18 -16.99
C ALA A 61 8.99 -19.60 -16.33
N ASP A 62 9.08 -19.97 -15.06
CA ASP A 62 7.95 -20.59 -14.36
C ASP A 62 6.75 -19.69 -14.35
N THR A 63 7.03 -18.39 -14.27
CA THR A 63 6.00 -17.37 -14.19
C THR A 63 5.20 -17.23 -15.49
N VAL A 64 5.77 -17.69 -16.60
CA VAL A 64 5.10 -17.61 -17.90
C VAL A 64 4.85 -19.00 -18.51
N LYS A 65 5.20 -20.04 -17.76
CA LYS A 65 5.07 -21.40 -18.27
C LYS A 65 3.62 -21.77 -18.54
N GLY A 66 3.35 -22.26 -19.73
CA GLY A 66 2.03 -22.70 -20.11
C GLY A 66 1.17 -21.59 -20.66
N ARG A 67 1.63 -20.36 -20.51
CA ARG A 67 0.87 -19.20 -20.99
C ARG A 67 1.45 -18.64 -22.26
N PHE A 68 2.77 -18.64 -22.31
CA PHE A 68 3.51 -18.12 -23.45
C PHE A 68 4.15 -19.28 -24.16
N THR A 69 4.17 -19.22 -25.48
CA THR A 69 4.87 -20.20 -26.23
C THR A 69 5.89 -19.52 -27.14
N ILE A 70 7.15 -19.91 -27.00
CA ILE A 70 8.22 -19.44 -27.86
C ILE A 70 8.35 -20.28 -29.14
N SER A 71 8.76 -19.65 -30.24
CA SER A 71 8.91 -20.35 -31.54
C SER A 71 9.86 -19.61 -32.48
N ARG A 72 10.25 -20.26 -33.56
CA ARG A 72 11.12 -19.61 -34.56
C ARG A 72 10.79 -20.05 -35.96
N ASP A 73 11.11 -19.19 -36.94
CA ASP A 73 11.05 -19.55 -38.36
C ASP A 73 12.44 -19.40 -38.96
N ASN A 74 13.13 -20.52 -39.11
CA ASN A 74 14.52 -20.48 -39.57
C ASN A 74 14.72 -19.91 -40.97
N PRO A 75 13.88 -20.33 -41.96
CA PRO A 75 14.15 -19.73 -43.27
C PRO A 75 13.88 -18.24 -43.28
N LYS A 76 12.87 -17.79 -42.55
CA LYS A 76 12.51 -16.39 -42.57
C LYS A 76 13.24 -15.58 -41.50
N ASN A 77 14.12 -16.25 -40.76
CA ASN A 77 15.00 -15.57 -39.80
C ASN A 77 14.26 -14.82 -38.70
N THR A 78 13.17 -15.39 -38.22
CA THR A 78 12.31 -14.69 -37.28
C THR A 78 12.06 -15.46 -35.99
N LEU A 79 12.13 -14.74 -34.89
CA LEU A 79 11.88 -15.30 -33.57
C LEU A 79 10.55 -14.81 -33.02
N PHE A 80 9.77 -15.74 -32.49
CA PHE A 80 8.38 -15.47 -32.11
C PHE A 80 8.13 -15.68 -30.62
N LEU A 81 7.42 -14.73 -30.00
CA LEU A 81 6.84 -14.98 -28.70
C LEU A 81 5.35 -14.78 -28.78
N GLN A 82 4.60 -15.77 -28.38
CA GLN A 82 3.16 -15.69 -28.42
C GLN A 82 2.61 -15.68 -27.00
N MET A 83 1.77 -14.71 -26.68
CA MET A 83 1.31 -14.53 -25.32
C MET A 83 -0.20 -14.70 -25.21
N THR A 84 -0.64 -15.48 -24.22
CA THR A 84 -2.05 -15.69 -23.99
C THR A 84 -2.30 -15.50 -22.51
N SER A 85 -3.58 -15.25 -22.13
CA SER A 85 -3.94 -15.08 -20.72
C SER A 85 -3.12 -13.98 -20.06
N LEU A 86 -2.94 -12.82 -20.74
CA LEU A 86 -2.06 -11.75 -20.28
C LEU A 86 -2.45 -11.19 -18.89
N ARG A 87 -1.42 -10.91 -18.09
CA ARG A 87 -1.58 -10.46 -16.72
C ARG A 87 -0.93 -9.08 -16.59
N SER A 88 -1.33 -8.31 -15.59
CA SER A 88 -0.82 -6.96 -15.42
C SER A 88 0.68 -7.00 -15.15
N GLU A 89 1.11 -8.05 -14.47
CA GLU A 89 2.51 -8.23 -14.17
C GLU A 89 3.29 -8.51 -15.46
N ASP A 90 2.56 -8.83 -16.51
CA ASP A 90 3.17 -9.07 -17.81
C ASP A 90 3.62 -7.75 -18.52
N THR A 91 3.18 -6.63 -18.00
CA THR A 91 3.59 -5.33 -18.56
C THR A 91 5.10 -5.11 -18.43
N ALA A 92 5.78 -4.86 -19.54
CA ALA A 92 7.23 -4.67 -19.56
C ALA A 92 7.74 -4.38 -20.95
N MET A 93 9.03 -4.06 -21.04
CA MET A 93 9.70 -3.94 -22.32
C MET A 93 10.36 -5.27 -22.67
N TYR A 94 10.05 -5.82 -23.85
CA TYR A 94 10.52 -7.17 -24.20
C TYR A 94 11.69 -7.19 -25.19
N TYR A 95 12.77 -7.87 -24.80
CA TYR A 95 13.96 -7.95 -25.64
C TYR A 95 14.17 -9.36 -26.14
N CYS A 96 14.68 -9.48 -27.35
CA CYS A 96 15.13 -10.76 -27.86
C CYS A 96 16.67 -10.74 -27.90
N THR A 97 17.28 -11.86 -27.48
CA THR A 97 18.74 -11.94 -27.45
C THR A 97 19.27 -13.24 -28.06
N ARG A 98 20.54 -13.21 -28.44
CA ARG A 98 21.20 -14.33 -29.06
C ARG A 98 22.00 -15.10 -28.01
N ASP A 99 21.91 -16.43 -28.03
CA ASP A 99 22.55 -17.24 -27.02
C ASP A 99 24.00 -17.59 -27.37
N GLU A 100 24.93 -16.96 -26.67
CA GLU A 100 26.35 -17.25 -26.81
C GLU A 100 26.75 -18.42 -25.91
N THR A 101 27.96 -18.93 -26.12
CA THR A 101 28.47 -20.03 -25.31
C THR A 101 28.58 -19.60 -23.85
N GLY A 102 28.04 -20.40 -22.95
CA GLY A 102 28.03 -20.04 -21.55
C GLY A 102 26.82 -19.20 -21.19
N SER A 103 26.01 -18.88 -22.21
CA SER A 103 24.73 -18.18 -22.03
C SER A 103 24.82 -16.75 -21.49
N TRP A 104 25.79 -16.00 -21.98
CA TRP A 104 25.74 -14.57 -21.85
C TRP A 104 25.12 -14.01 -23.13
N PHE A 105 24.61 -12.72 -23.07
CA PHE A 105 24.03 -12.17 -24.30
C PHE A 105 24.91 -11.09 -24.89
N ALA A 106 25.48 -11.37 -26.06
CA ALA A 106 26.28 -10.37 -26.78
C ALA A 106 25.44 -9.27 -27.45
N TYR A 107 24.33 -9.66 -28.10
CA TYR A 107 23.48 -8.70 -28.79
C TYR A 107 22.07 -8.67 -28.22
N TRP A 108 21.52 -7.47 -28.12
CA TRP A 108 20.17 -7.29 -27.61
C TRP A 108 19.35 -6.51 -28.61
N GLY A 109 18.03 -6.66 -28.53
CA GLY A 109 17.11 -5.86 -29.35
C GLY A 109 16.92 -4.44 -28.82
N GLN A 110 16.36 -3.58 -29.63
CA GLN A 110 15.97 -2.26 -29.11
C GLN A 110 14.88 -2.45 -28.06
N GLY A 111 14.02 -3.44 -28.29
CA GLY A 111 12.94 -3.79 -27.38
C GLY A 111 11.60 -3.30 -27.86
N THR A 112 10.54 -4.02 -27.52
CA THR A 112 9.18 -3.59 -27.86
C THR A 112 8.31 -3.55 -26.61
N LEU A 113 7.49 -2.51 -26.51
CA LEU A 113 6.77 -2.26 -25.26
C LEU A 113 5.40 -2.94 -25.21
N VAL A 114 5.17 -3.74 -24.19
CA VAL A 114 3.84 -4.34 -23.99
C VAL A 114 3.21 -3.86 -22.70
N THR A 115 2.06 -3.23 -22.83
CA THR A 115 1.36 -2.70 -21.68
C THR A 115 0.06 -3.46 -21.55
N VAL A 116 -0.19 -4.05 -20.40
CA VAL A 116 -1.46 -4.76 -20.20
C VAL A 116 -2.35 -4.00 -19.27
N SER A 117 -3.47 -3.53 -19.77
CA SER A 117 -4.36 -2.72 -18.98
C SER A 117 -5.76 -2.66 -19.58
N ALA A 118 -6.71 -2.33 -18.73
CA ALA A 118 -8.07 -2.18 -19.15
C ALA A 118 -8.37 -0.71 -19.43
N ALA A 119 -7.36 0.14 -19.26
CA ALA A 119 -7.53 1.58 -19.43
C ALA A 119 -7.71 1.91 -20.91
N LYS A 120 -8.30 3.08 -21.19
CA LYS A 120 -8.66 3.45 -22.54
C LYS A 120 -7.68 4.43 -23.17
N THR A 121 -7.29 4.15 -24.40
CA THR A 121 -6.38 5.00 -25.08
C THR A 121 -6.93 6.42 -25.14
N THR A 122 -6.08 7.38 -24.81
CA THR A 122 -6.48 8.77 -24.77
C THR A 122 -5.38 9.65 -25.28
N ALA A 123 -5.76 10.76 -25.90
CA ALA A 123 -4.83 11.68 -26.53
C ALA A 123 -4.38 12.74 -25.54
N PRO A 124 -3.08 13.12 -25.55
CA PRO A 124 -2.73 14.14 -24.55
C PRO A 124 -3.20 15.54 -24.90
N SER A 125 -3.30 16.36 -23.87
CA SER A 125 -3.45 17.80 -24.04
C SER A 125 -2.11 18.45 -23.79
N VAL A 126 -1.69 19.33 -24.68
CA VAL A 126 -0.42 19.98 -24.54
C VAL A 126 -0.59 21.47 -24.23
N TYR A 127 0.09 21.93 -23.20
CA TYR A 127 -0.07 23.32 -22.76
C TYR A 127 1.25 24.03 -22.74
N PRO A 128 1.31 25.25 -23.33
CA PRO A 128 2.55 26.02 -23.19
C PRO A 128 2.73 26.59 -21.81
N LEU A 129 3.98 26.69 -21.38
CA LEU A 129 4.30 27.27 -20.10
C LEU A 129 5.18 28.49 -20.33
N ALA A 130 4.69 29.65 -19.94
CA ALA A 130 5.40 30.88 -20.21
C ALA A 130 5.82 31.54 -18.92
N PRO A 131 6.93 32.35 -18.95
CA PRO A 131 7.33 32.86 -17.65
C PRO A 131 6.29 33.75 -17.03
N VAL A 132 6.34 33.84 -15.71
CA VAL A 132 5.54 34.77 -14.95
C VAL A 132 5.76 36.20 -15.38
N CYS A 133 4.69 36.95 -15.43
CA CYS A 133 4.75 38.38 -15.75
C CYS A 133 5.70 39.07 -14.83
N GLY A 138 16.62 40.33 -16.45
CA GLY A 138 16.62 38.87 -16.44
C GLY A 138 17.69 38.29 -17.36
N SER A 139 18.77 37.78 -16.77
CA SER A 139 19.87 37.24 -17.54
C SER A 139 19.49 36.00 -18.36
N SER A 140 18.65 35.15 -17.81
CA SER A 140 18.31 33.88 -18.46
C SER A 140 16.80 33.65 -18.45
N VAL A 141 16.31 32.83 -19.36
CA VAL A 141 14.87 32.57 -19.43
C VAL A 141 14.56 31.08 -19.43
N THR A 142 13.48 30.72 -18.74
CA THR A 142 13.04 29.33 -18.69
C THR A 142 11.63 29.16 -19.22
N LEU A 143 11.43 28.15 -20.07
CA LEU A 143 10.12 27.86 -20.60
C LEU A 143 9.77 26.40 -20.33
N GLY A 144 8.49 26.08 -20.44
CA GLY A 144 8.03 24.74 -20.12
C GLY A 144 6.88 24.29 -20.98
N CYS A 145 6.71 22.98 -21.05
CA CYS A 145 5.61 22.38 -21.77
C CYS A 145 4.96 21.38 -20.83
N LEU A 146 3.65 21.42 -20.71
CA LEU A 146 2.95 20.47 -19.87
C LEU A 146 2.09 19.55 -20.73
N VAL A 147 2.28 18.24 -20.57
CA VAL A 147 1.59 17.25 -21.37
C VAL A 147 0.71 16.38 -20.47
N LYS A 148 -0.58 16.33 -20.73
CA LYS A 148 -1.53 15.88 -19.70
C LYS A 148 -2.61 14.91 -20.19
N GLY A 149 -3.00 13.99 -19.32
CA GLY A 149 -4.11 13.08 -19.59
C GLY A 149 -3.99 12.15 -20.79
N TYR A 150 -2.89 11.44 -20.92
CA TYR A 150 -2.74 10.50 -22.01
C TYR A 150 -2.53 9.09 -21.54
N PHE A 151 -3.08 8.13 -22.30
CA PHE A 151 -2.80 6.71 -22.11
C PHE A 151 -2.73 6.07 -23.52
N PRO A 152 -1.83 5.06 -23.72
CA PRO A 152 -0.86 4.76 -22.70
C PRO A 152 0.48 5.35 -23.11
N GLU A 153 1.52 5.03 -22.34
CA GLU A 153 2.87 5.45 -22.67
C GLU A 153 3.33 4.72 -23.97
N PRO A 154 4.26 5.35 -24.79
CA PRO A 154 4.90 6.56 -24.34
C PRO A 154 4.62 7.72 -25.26
N VAL A 155 4.94 8.91 -24.79
CA VAL A 155 4.86 10.13 -25.58
C VAL A 155 6.28 10.65 -25.83
N THR A 156 6.52 11.24 -27.01
CA THR A 156 7.82 11.85 -27.31
C THR A 156 7.73 13.38 -27.42
N LEU A 157 8.68 14.05 -26.78
CA LEU A 157 8.69 15.50 -26.72
C LEU A 157 10.00 16.00 -27.27
N THR A 158 9.93 17.02 -28.14
CA THR A 158 11.10 17.59 -28.78
C THR A 158 10.91 19.10 -28.82
N TRP A 159 12.01 19.83 -28.95
CA TRP A 159 11.91 21.29 -29.02
C TRP A 159 12.41 21.81 -30.34
N ASN A 160 11.57 22.57 -31.02
CA ASN A 160 11.93 23.08 -32.34
C ASN A 160 12.31 21.95 -33.27
N SER A 161 11.59 20.85 -33.15
CA SER A 161 11.79 19.67 -33.98
C SER A 161 13.15 19.02 -33.74
N GLY A 162 13.72 19.25 -32.56
CA GLY A 162 15.03 18.68 -32.25
C GLY A 162 16.19 19.66 -32.37
N SER A 163 15.93 20.86 -32.88
CA SER A 163 16.97 21.87 -33.01
C SER A 163 17.51 22.27 -31.64
N LEU A 164 16.64 22.26 -30.63
CA LEU A 164 17.02 22.62 -29.27
C LEU A 164 17.20 21.38 -28.42
N SER A 165 18.43 21.10 -28.02
CA SER A 165 18.68 19.96 -27.13
C SER A 165 19.51 20.34 -25.92
N SER A 166 20.00 21.56 -25.91
CA SER A 166 20.78 22.07 -24.77
C SER A 166 19.89 22.87 -23.83
N GLY A 167 20.09 22.69 -22.53
CA GLY A 167 19.28 23.36 -21.53
C GLY A 167 17.93 22.69 -21.36
N VAL A 168 17.81 21.46 -21.85
CA VAL A 168 16.54 20.75 -21.86
C VAL A 168 16.49 19.63 -20.83
N HIS A 169 15.45 19.64 -20.01
CA HIS A 169 15.13 18.51 -19.14
C HIS A 169 13.72 18.00 -19.46
N THR A 170 13.61 16.71 -19.74
CA THR A 170 12.32 16.08 -19.94
C THR A 170 12.10 15.08 -18.83
N PHE A 171 11.01 15.26 -18.11
CA PHE A 171 10.76 14.51 -16.91
C PHE A 171 9.89 13.32 -17.21
N PRO A 172 10.19 12.18 -16.59
CA PRO A 172 9.45 10.96 -16.86
C PRO A 172 7.98 11.10 -16.44
N ALA A 173 7.09 10.45 -17.19
CA ALA A 173 5.67 10.57 -16.91
C ALA A 173 5.29 9.94 -15.57
N VAL A 174 4.31 10.54 -14.92
CA VAL A 174 3.77 10.01 -13.68
C VAL A 174 2.29 9.69 -13.90
N LEU A 175 1.86 8.53 -13.43
CA LEU A 175 0.52 8.07 -13.72
C LEU A 175 -0.36 8.15 -12.49
N GLN A 176 -1.45 8.89 -12.60
CA GLN A 176 -2.45 8.91 -11.57
C GLN A 176 -3.82 8.59 -12.16
N SER A 177 -4.48 7.59 -11.58
CA SER A 177 -5.85 7.23 -12.00
C SER A 177 -5.96 6.88 -13.48
N ASP A 178 -4.98 6.15 -13.99
CA ASP A 178 -5.01 5.67 -15.38
C ASP A 178 -4.62 6.72 -16.40
N LEU A 179 -4.17 7.87 -15.92
CA LEU A 179 -3.73 8.94 -16.80
C LEU A 179 -2.32 9.38 -16.48
N TYR A 180 -1.57 9.71 -17.52
CA TYR A 180 -0.15 10.02 -17.39
C TYR A 180 0.07 11.51 -17.54
N THR A 181 0.89 12.08 -16.68
CA THR A 181 1.28 13.49 -16.81
C THR A 181 2.78 13.60 -17.03
N LEU A 182 3.16 14.37 -18.02
CA LEU A 182 4.55 14.58 -18.38
C LEU A 182 4.83 16.07 -18.55
N SER A 183 6.09 16.45 -18.39
CA SER A 183 6.47 17.83 -18.60
C SER A 183 7.89 17.93 -19.08
N SER A 184 8.23 19.09 -19.65
CA SER A 184 9.59 19.37 -20.08
C SER A 184 9.85 20.86 -19.94
N SER A 185 11.10 21.21 -19.69
CA SER A 185 11.46 22.60 -19.54
C SER A 185 12.68 22.87 -20.37
N VAL A 186 12.83 24.12 -20.79
CA VAL A 186 14.02 24.51 -21.52
C VAL A 186 14.49 25.86 -21.05
N THR A 187 15.81 26.01 -20.92
CA THR A 187 16.39 27.29 -20.53
C THR A 187 17.20 27.87 -21.66
N VAL A 188 16.91 29.13 -21.99
CA VAL A 188 17.64 29.82 -23.06
C VAL A 188 17.97 31.24 -22.63
N THR A 189 18.90 31.88 -23.34
CA THR A 189 19.28 33.24 -23.01
C THR A 189 18.15 34.23 -23.32
N SER A 190 18.17 35.36 -22.63
CA SER A 190 17.15 36.39 -22.84
C SER A 190 17.20 36.91 -24.26
N SER A 191 18.40 36.98 -24.82
CA SER A 191 18.57 37.39 -26.21
C SER A 191 17.90 36.42 -27.17
N THR A 192 18.00 35.12 -26.85
CA THR A 192 17.37 34.07 -27.66
C THR A 192 15.85 34.13 -27.68
N TRP A 193 15.24 34.45 -26.55
CA TRP A 193 13.77 34.46 -26.45
C TRP A 193 13.26 35.74 -25.78
N PRO A 194 12.15 36.30 -26.27
CA PRO A 194 11.25 35.69 -27.23
C PRO A 194 11.55 36.07 -28.68
N SER A 195 12.70 36.66 -28.95
CA SER A 195 13.01 37.14 -30.29
C SER A 195 13.00 36.00 -31.31
N GLN A 196 13.53 34.86 -30.90
CA GLN A 196 13.55 33.70 -31.76
C GLN A 196 12.50 32.69 -31.32
N SER A 197 11.75 32.18 -32.26
CA SER A 197 10.61 31.31 -31.98
C SER A 197 11.02 30.00 -31.28
N ILE A 198 10.24 29.60 -30.26
CA ILE A 198 10.42 28.31 -29.60
C ILE A 198 9.12 27.53 -29.54
N THR A 199 9.17 26.25 -29.87
CA THR A 199 7.98 25.41 -29.91
C THR A 199 8.27 24.07 -29.29
N CYS A 200 7.27 23.47 -28.66
CA CYS A 200 7.43 22.10 -28.18
C CYS A 200 6.58 21.17 -28.99
N ASN A 201 7.19 20.12 -29.51
CA ASN A 201 6.48 19.14 -30.31
C ASN A 201 6.28 17.86 -29.53
N VAL A 202 5.04 17.43 -29.45
CA VAL A 202 4.70 16.23 -28.71
C VAL A 202 4.02 15.24 -29.65
N ALA A 203 4.45 13.99 -29.62
CA ALA A 203 3.79 12.99 -30.43
C ALA A 203 3.33 11.80 -29.62
N HIS A 204 2.06 11.44 -29.73
CA HIS A 204 1.57 10.21 -29.13
C HIS A 204 1.22 9.21 -30.22
N PRO A 205 2.00 8.15 -30.35
CA PRO A 205 1.76 7.15 -31.39
C PRO A 205 0.43 6.41 -31.29
N ALA A 206 0.01 6.05 -30.09
CA ALA A 206 -1.22 5.28 -29.90
C ALA A 206 -2.47 6.04 -30.31
N SER A 207 -2.48 7.34 -30.04
CA SER A 207 -3.60 8.19 -30.39
C SER A 207 -3.45 8.67 -31.81
N SER A 208 -2.34 8.32 -32.43
CA SER A 208 -1.98 8.87 -33.71
C SER A 208 -1.96 10.38 -33.64
N THR A 209 -1.37 10.90 -32.58
CA THR A 209 -1.39 12.34 -32.32
C THR A 209 -0.01 12.97 -32.52
N LYS A 210 0.02 14.03 -33.32
CA LYS A 210 1.17 14.90 -33.40
C LYS A 210 0.73 16.32 -33.12
N VAL A 211 1.36 17.00 -32.17
CA VAL A 211 1.05 18.40 -31.90
C VAL A 211 2.30 19.21 -31.61
N ASP A 212 2.30 20.44 -32.06
CA ASP A 212 3.32 21.40 -31.63
C ASP A 212 2.67 22.69 -31.16
N LYS A 213 3.12 23.20 -30.02
CA LYS A 213 2.61 24.46 -29.50
C LYS A 213 3.70 25.51 -29.42
N LYS A 214 3.44 26.66 -30.02
CA LYS A 214 4.35 27.80 -29.91
C LYS A 214 4.25 28.36 -28.51
N ILE A 215 5.35 28.93 -28.02
CA ILE A 215 5.34 29.58 -26.72
C ILE A 215 5.37 31.08 -26.92
N GLU A 216 4.39 31.77 -26.37
CA GLU A 216 4.30 33.19 -26.54
C GLU A 216 4.25 33.91 -25.20
N PRO A 217 4.77 35.21 -25.14
CA PRO A 217 4.66 35.82 -23.81
C PRO A 217 3.23 36.04 -23.40
N ARG A 218 2.97 36.01 -22.11
CA ARG A 218 1.62 36.14 -21.60
C ARG A 218 1.10 37.58 -21.86
N VAL A 219 -0.19 37.69 -22.16
CA VAL A 219 -0.81 38.96 -22.51
C VAL A 219 -1.83 39.39 -21.48
N PRO A 220 -1.79 40.66 -21.07
CA PRO A 220 -2.70 41.11 -20.01
C PRO A 220 -4.12 40.65 -20.27
N GLN B 1 15.21 -21.56 -9.10
CA GLN B 1 15.68 -20.13 -9.21
C GLN B 1 16.75 -19.86 -8.19
N ILE B 2 17.96 -19.62 -8.67
CA ILE B 2 19.01 -19.16 -7.80
C ILE B 2 18.94 -17.63 -7.68
N VAL B 3 18.69 -17.15 -6.47
CA VAL B 3 18.69 -15.73 -6.21
C VAL B 3 20.09 -15.15 -6.35
N LEU B 4 20.18 -14.01 -7.00
CA LEU B 4 21.44 -13.30 -7.08
C LEU B 4 21.25 -12.01 -6.30
N SER B 5 22.15 -11.75 -5.35
CA SER B 5 21.98 -10.63 -4.46
C SER B 5 23.08 -9.63 -4.73
N GLN B 6 22.71 -8.42 -5.09
CA GLN B 6 23.68 -7.40 -5.47
C GLN B 6 23.72 -6.24 -4.49
N SER B 7 24.91 -5.92 -4.00
CA SER B 7 25.08 -4.77 -3.12
C SER B 7 26.40 -4.04 -3.47
N PRO B 8 26.49 -2.68 -3.22
CA PRO B 8 25.30 -1.99 -2.71
C PRO B 8 24.25 -1.78 -3.81
N ALA B 9 22.99 -1.65 -3.39
CA ALA B 9 21.87 -1.45 -4.33
C ALA B 9 22.05 -0.17 -5.13
N ILE B 10 22.44 0.89 -4.43
CA ILE B 10 22.75 2.14 -5.07
C ILE B 10 24.06 2.68 -4.46
N MET B 11 24.95 3.19 -5.31
CA MET B 11 26.19 3.78 -4.80
C MET B 11 26.73 4.93 -5.66
N SER B 12 27.62 5.73 -5.07
CA SER B 12 28.14 6.93 -5.73
C SER B 12 29.67 7.00 -5.60
N ALA B 13 30.33 7.44 -6.66
CA ALA B 13 31.78 7.53 -6.66
C ALA B 13 32.29 8.80 -7.33
N SER B 14 33.26 9.42 -6.70
CA SER B 14 33.93 10.57 -7.29
C SER B 14 34.84 10.10 -8.42
N PRO B 15 35.19 11.01 -9.40
CA PRO B 15 36.07 10.47 -10.45
C PRO B 15 37.44 10.21 -9.88
N GLY B 16 38.17 9.29 -10.49
CA GLY B 16 39.46 8.85 -9.94
C GLY B 16 39.31 8.24 -8.56
N GLU B 17 38.31 7.39 -8.40
CA GLU B 17 38.11 6.64 -7.18
C GLU B 17 38.01 5.18 -7.57
N LYS B 18 38.31 4.29 -6.62
CA LYS B 18 38.19 2.86 -6.87
C LYS B 18 36.85 2.39 -6.37
N VAL B 19 36.12 1.68 -7.22
CA VAL B 19 34.78 1.25 -6.87
C VAL B 19 34.59 -0.26 -7.09
N THR B 20 33.94 -0.90 -6.13
CA THR B 20 33.66 -2.31 -6.21
C THR B 20 32.22 -2.61 -5.86
N MET B 21 31.61 -3.52 -6.60
CA MET B 21 30.26 -4.02 -6.29
C MET B 21 30.24 -5.51 -6.31
N THR B 22 29.38 -6.09 -5.48
CA THR B 22 29.38 -7.52 -5.27
C THR B 22 28.05 -8.16 -5.65
N CYS B 23 28.13 -9.38 -6.17
CA CYS B 23 26.97 -10.18 -6.48
C CYS B 23 27.07 -11.42 -5.59
N SER B 24 26.04 -11.69 -4.79
CA SER B 24 26.01 -12.90 -3.97
C SER B 24 25.04 -13.92 -4.52
N ALA B 25 25.50 -15.15 -4.74
CA ALA B 25 24.63 -16.21 -5.24
C ALA B 25 24.06 -17.12 -4.17
N SER B 26 22.82 -17.55 -4.40
CA SER B 26 22.12 -18.52 -3.56
C SER B 26 22.77 -19.90 -3.59
N SER B 27 23.18 -20.31 -4.77
CA SER B 27 23.77 -21.61 -4.94
C SER B 27 25.04 -21.33 -5.67
N SER B 28 26.00 -22.24 -5.57
CA SER B 28 27.22 -22.05 -6.29
C SER B 28 26.85 -22.06 -7.77
N VAL B 29 27.39 -21.10 -8.51
CA VAL B 29 27.19 -21.05 -9.93
C VAL B 29 28.57 -21.02 -10.52
N ARG B 30 28.80 -21.87 -11.52
CA ARG B 30 30.12 -21.96 -12.11
C ARG B 30 30.51 -20.70 -12.86
N TYR B 31 29.58 -20.11 -13.61
CA TYR B 31 29.92 -18.86 -14.30
C TYR B 31 28.91 -17.71 -14.21
N MET B 32 29.46 -16.50 -14.22
CA MET B 32 28.72 -15.27 -13.95
C MET B 32 28.98 -14.25 -15.04
N HIS B 33 27.96 -13.50 -15.42
CA HIS B 33 28.16 -12.47 -16.41
C HIS B 33 27.64 -11.13 -15.89
N TRP B 34 28.14 -10.05 -16.50
CA TRP B 34 27.77 -8.70 -16.13
C TRP B 34 27.32 -7.92 -17.35
N TYR B 35 26.35 -7.04 -17.15
CA TYR B 35 25.89 -6.14 -18.21
C TYR B 35 25.83 -4.70 -17.70
N GLN B 36 25.97 -3.74 -18.62
CA GLN B 36 25.91 -2.33 -18.26
C GLN B 36 24.74 -1.69 -18.94
N GLN B 37 23.87 -1.06 -18.15
CA GLN B 37 22.67 -0.45 -18.71
C GLN B 37 22.62 1.02 -18.42
N LYS B 38 22.44 1.81 -19.47
CA LYS B 38 22.22 3.23 -19.33
C LYS B 38 20.79 3.50 -19.78
N SER B 39 20.11 4.38 -19.07
CA SER B 39 18.69 4.62 -19.34
C SER B 39 18.43 5.05 -20.79
N GLY B 40 17.41 4.45 -21.39
CA GLY B 40 17.05 4.73 -22.78
C GLY B 40 17.46 3.65 -23.77
N THR B 41 18.28 2.71 -23.34
CA THR B 41 18.73 1.62 -24.21
C THR B 41 18.80 0.29 -23.49
N SER B 42 19.01 -0.76 -24.27
CA SER B 42 19.08 -2.12 -23.77
C SER B 42 20.36 -2.38 -22.98
N PRO B 43 20.34 -3.40 -22.06
CA PRO B 43 21.63 -3.67 -21.45
C PRO B 43 22.59 -4.17 -22.51
N LYS B 44 23.88 -3.91 -22.32
CA LYS B 44 24.89 -4.37 -23.25
C LYS B 44 25.96 -5.15 -22.53
N ARG B 45 26.55 -6.12 -23.22
CA ARG B 45 27.46 -7.05 -22.60
C ARG B 45 28.70 -6.34 -22.05
N TRP B 46 29.10 -6.72 -20.85
CA TRP B 46 30.23 -6.07 -20.22
C TRP B 46 31.30 -7.07 -19.83
N ILE B 47 30.93 -8.01 -18.96
CA ILE B 47 31.84 -9.04 -18.50
C ILE B 47 31.21 -10.40 -18.69
N TYR B 48 31.98 -11.33 -19.24
CA TYR B 48 31.46 -12.69 -19.43
C TYR B 48 32.43 -13.76 -19.01
N ASP B 49 31.89 -14.94 -18.69
CA ASP B 49 32.72 -16.03 -18.20
C ASP B 49 33.48 -15.51 -17.01
N THR B 50 32.80 -14.68 -16.24
CA THR B 50 33.31 -14.14 -15.00
C THR B 50 34.34 -13.02 -15.22
N SER B 51 35.44 -13.33 -15.89
CA SER B 51 36.54 -12.37 -15.97
C SER B 51 36.87 -11.79 -17.35
N LYS B 52 36.22 -12.27 -18.41
CA LYS B 52 36.58 -11.81 -19.74
C LYS B 52 35.81 -10.57 -20.10
N LEU B 53 36.53 -9.56 -20.56
CA LEU B 53 35.92 -8.32 -21.03
C LEU B 53 35.24 -8.54 -22.37
N ALA B 54 34.06 -7.97 -22.54
CA ALA B 54 33.46 -7.85 -23.87
C ALA B 54 34.29 -6.82 -24.63
N SER B 55 34.35 -6.97 -25.95
CA SER B 55 35.12 -6.01 -26.75
C SER B 55 34.56 -4.60 -26.61
N GLY B 56 35.46 -3.63 -26.51
CA GLY B 56 35.05 -2.22 -26.42
C GLY B 56 34.84 -1.68 -25.01
N VAL B 57 35.22 -2.47 -24.00
CA VAL B 57 35.07 -2.07 -22.61
C VAL B 57 36.45 -1.74 -22.04
N PRO B 58 36.60 -0.54 -21.36
CA PRO B 58 37.99 -0.22 -21.03
C PRO B 58 38.62 -1.22 -20.08
N THR B 59 39.95 -1.31 -20.14
CA THR B 59 40.69 -2.29 -19.37
C THR B 59 40.60 -2.03 -17.88
N ARG B 60 40.23 -0.81 -17.49
CA ARG B 60 40.17 -0.49 -16.04
C ARG B 60 39.05 -1.23 -15.31
N PHE B 61 38.09 -1.74 -16.08
CA PHE B 61 37.07 -2.62 -15.53
C PHE B 61 37.61 -4.03 -15.27
N SER B 62 37.17 -4.64 -14.17
CA SER B 62 37.59 -5.99 -13.85
C SER B 62 36.45 -6.82 -13.25
N GLY B 63 36.53 -8.13 -13.43
CA GLY B 63 35.61 -9.06 -12.79
C GLY B 63 36.38 -10.13 -12.06
N SER B 64 35.81 -10.66 -10.98
CA SER B 64 36.49 -11.70 -10.22
C SER B 64 35.55 -12.52 -9.33
N GLY B 65 36.08 -13.61 -8.76
CA GLY B 65 35.38 -14.37 -7.73
C GLY B 65 34.89 -15.71 -8.20
N SER B 66 34.68 -16.62 -7.25
CA SER B 66 34.26 -17.98 -7.58
C SER B 66 33.34 -18.57 -6.51
N GLY B 67 32.56 -19.58 -6.90
CA GLY B 67 31.70 -20.28 -5.96
C GLY B 67 30.52 -19.43 -5.58
N THR B 68 30.81 -18.24 -5.05
CA THR B 68 29.77 -17.29 -4.71
C THR B 68 30.40 -15.90 -4.64
N SER B 69 29.56 -14.88 -4.62
CA SER B 69 30.05 -13.51 -4.44
C SER B 69 31.14 -13.09 -5.45
N TYR B 70 30.85 -13.27 -6.73
CA TYR B 70 31.65 -12.68 -7.77
C TYR B 70 31.57 -11.15 -7.68
N SER B 71 32.62 -10.46 -8.09
CA SER B 71 32.70 -9.00 -7.96
C SER B 71 33.02 -8.29 -9.25
N LEU B 72 32.57 -7.04 -9.37
CA LEU B 72 32.96 -6.19 -10.48
C LEU B 72 33.68 -4.95 -9.93
N PRO B 73 34.86 -4.65 -10.44
CA PRO B 73 35.58 -3.45 -9.96
C PRO B 73 36.07 -2.50 -11.05
N ILE B 74 36.06 -1.19 -10.76
CA ILE B 74 36.73 -0.24 -11.64
C ILE B 74 37.90 0.37 -10.88
N SER B 75 39.08 0.35 -11.50
CA SER B 75 40.29 0.95 -10.87
C SER B 75 40.14 2.44 -10.58
N SER B 76 39.78 3.19 -11.61
CA SER B 76 39.54 4.61 -11.46
C SER B 76 38.17 4.96 -12.03
N MET B 77 37.36 5.64 -11.24
CA MET B 77 36.02 6.02 -11.67
C MET B 77 36.08 7.01 -12.82
N GLU B 78 35.16 6.87 -13.76
CA GLU B 78 35.07 7.79 -14.89
C GLU B 78 33.63 8.25 -15.05
N ALA B 79 33.44 9.43 -15.64
CA ALA B 79 32.11 9.97 -15.86
C ALA B 79 31.29 9.03 -16.78
N GLU B 80 31.92 8.52 -17.82
CA GLU B 80 31.28 7.58 -18.73
C GLU B 80 30.93 6.29 -18.01
N ASP B 81 31.72 5.95 -17.00
CA ASP B 81 31.52 4.73 -16.24
C ASP B 81 30.19 4.69 -15.49
N GLY B 82 29.71 5.85 -15.06
CA GLY B 82 28.52 5.90 -14.24
C GLY B 82 27.19 5.43 -14.80
N ALA B 83 26.69 4.32 -14.30
CA ALA B 83 25.50 3.72 -14.85
C ALA B 83 25.01 2.60 -13.91
N SER B 84 24.15 1.73 -14.43
CA SER B 84 23.60 0.62 -13.66
C SER B 84 24.17 -0.72 -14.15
N TYR B 85 24.63 -1.54 -13.23
CA TYR B 85 25.28 -2.80 -13.58
C TYR B 85 24.57 -4.06 -13.07
N TYR B 86 24.37 -5.03 -13.94
CA TYR B 86 23.60 -6.25 -13.60
C TYR B 86 24.47 -7.49 -13.72
N CYS B 87 24.45 -8.33 -12.70
CA CYS B 87 25.03 -9.69 -12.85
C CYS B 87 23.95 -10.71 -13.36
N GLN B 88 24.41 -11.73 -14.07
CA GLN B 88 23.52 -12.78 -14.58
C GLN B 88 24.22 -14.11 -14.51
N GLN B 89 23.46 -15.19 -14.30
CA GLN B 89 24.05 -16.50 -14.17
C GLN B 89 23.31 -17.56 -14.95
N TRP B 90 24.05 -18.53 -15.48
CA TRP B 90 23.45 -19.72 -16.08
C TRP B 90 24.05 -20.95 -15.46
N ASN B 91 23.20 -21.87 -15.01
CA ASN B 91 23.70 -23.12 -14.44
C ASN B 91 23.45 -24.38 -15.28
N GLY B 92 23.05 -24.18 -16.53
CA GLY B 92 22.75 -25.29 -17.42
C GLY B 92 21.30 -25.74 -17.37
N TYR B 93 20.52 -25.19 -16.42
CA TYR B 93 19.11 -25.55 -16.24
C TYR B 93 18.23 -24.32 -15.95
N PRO B 94 16.99 -24.29 -16.50
CA PRO B 94 16.23 -23.05 -16.32
C PRO B 94 15.74 -22.89 -14.90
N PRO B 95 15.51 -21.63 -14.43
CA PRO B 95 15.59 -20.44 -15.22
C PRO B 95 16.97 -19.77 -15.17
N LEU B 96 17.26 -19.00 -16.21
CA LEU B 96 18.32 -18.03 -16.18
C LEU B 96 17.93 -16.86 -15.21
N THR B 97 18.89 -16.30 -14.49
CA THR B 97 18.57 -15.35 -13.42
C THR B 97 19.41 -14.08 -13.43
N PHE B 98 18.83 -12.99 -12.94
CA PHE B 98 19.47 -11.67 -12.96
C PHE B 98 19.50 -11.06 -11.55
N GLY B 99 20.50 -10.22 -11.29
CA GLY B 99 20.57 -9.46 -10.04
C GLY B 99 19.56 -8.33 -9.99
N GLY B 100 19.23 -7.87 -8.78
CA GLY B 100 18.37 -6.70 -8.60
C GLY B 100 19.01 -5.50 -9.28
N GLY B 101 20.35 -5.45 -9.22
CA GLY B 101 21.10 -4.42 -9.91
C GLY B 101 21.80 -3.44 -8.97
N THR B 102 22.93 -2.90 -9.42
CA THR B 102 23.67 -1.87 -8.71
C THR B 102 23.77 -0.61 -9.56
N LYS B 103 23.40 0.51 -8.99
CA LYS B 103 23.41 1.78 -9.73
C LYS B 103 24.57 2.64 -9.29
N LEU B 104 25.32 3.13 -10.25
CA LEU B 104 26.52 3.91 -9.96
C LEU B 104 26.35 5.36 -10.41
N GLU B 105 26.47 6.28 -9.48
CA GLU B 105 26.27 7.69 -9.80
C GLU B 105 27.60 8.42 -9.77
N MET B 106 27.75 9.41 -10.64
CA MET B 106 28.90 10.26 -10.61
C MET B 106 28.80 11.14 -9.37
N LYS B 107 29.93 11.38 -8.71
CA LYS B 107 29.93 12.21 -7.51
C LYS B 107 30.42 13.59 -7.86
N ARG B 108 29.62 14.60 -7.53
CA ARG B 108 29.92 15.97 -7.94
C ARG B 108 29.70 16.96 -6.80
N ALA B 109 30.23 18.17 -6.97
CA ALA B 109 30.05 19.25 -6.02
C ALA B 109 28.57 19.57 -5.82
N ASP B 110 28.20 19.95 -4.61
CA ASP B 110 26.83 20.36 -4.33
C ASP B 110 26.43 21.56 -5.18
N ALA B 111 25.19 21.56 -5.66
CA ALA B 111 24.67 22.72 -6.39
C ALA B 111 23.29 23.13 -5.91
N ALA B 112 23.09 24.42 -5.73
CA ALA B 112 21.77 25.00 -5.36
C ALA B 112 20.79 24.92 -6.54
N PRO B 113 19.50 24.57 -6.28
CA PRO B 113 18.61 24.54 -7.46
C PRO B 113 18.16 25.91 -7.96
N THR B 114 17.69 25.95 -9.19
CA THR B 114 17.07 27.14 -9.76
C THR B 114 15.60 26.88 -9.85
N VAL B 115 14.81 27.84 -9.39
CA VAL B 115 13.37 27.64 -9.26
C VAL B 115 12.58 28.53 -10.21
N SER B 116 11.63 27.93 -10.91
CA SER B 116 10.72 28.66 -11.77
C SER B 116 9.29 28.17 -11.52
N ILE B 117 8.34 29.09 -11.45
CA ILE B 117 6.94 28.74 -11.30
C ILE B 117 6.12 29.24 -12.49
N PHE B 118 5.17 28.44 -12.92
CA PHE B 118 4.36 28.79 -14.09
C PHE B 118 2.87 28.77 -13.80
N PRO B 119 2.14 29.90 -14.03
CA PRO B 119 0.69 29.80 -13.87
C PRO B 119 0.07 29.01 -15.01
N PRO B 120 -1.21 28.69 -14.89
CA PRO B 120 -1.95 28.00 -15.94
C PRO B 120 -1.99 28.78 -17.25
N SER B 121 -1.95 28.04 -18.34
CA SER B 121 -2.10 28.60 -19.67
C SER B 121 -3.52 29.11 -19.91
N SER B 122 -3.66 30.06 -20.82
CA SER B 122 -4.96 30.51 -21.26
C SER B 122 -5.72 29.34 -21.83
N GLU B 123 -5.00 28.48 -22.55
CA GLU B 123 -5.58 27.28 -23.18
C GLU B 123 -6.15 26.28 -22.20
N GLN B 124 -5.44 26.01 -21.11
CA GLN B 124 -5.96 25.07 -20.11
C GLN B 124 -7.21 25.63 -19.44
N LEU B 125 -7.17 26.93 -19.14
CA LEU B 125 -8.27 27.61 -18.46
C LEU B 125 -9.55 27.64 -19.29
N THR B 126 -9.41 27.87 -20.60
CA THR B 126 -10.54 27.86 -21.49
C THR B 126 -11.16 26.47 -21.43
N SER B 127 -10.30 25.47 -21.27
CA SER B 127 -10.72 24.10 -21.07
C SER B 127 -11.44 23.92 -19.74
N GLY B 128 -11.20 24.83 -18.81
CA GLY B 128 -11.86 24.77 -17.48
C GLY B 128 -11.05 24.06 -16.40
N GLY B 129 -9.77 23.77 -16.67
CA GLY B 129 -8.89 23.15 -15.68
C GLY B 129 -7.71 24.06 -15.38
N ALA B 130 -7.10 23.89 -14.21
CA ALA B 130 -5.93 24.67 -13.86
C ALA B 130 -4.78 23.81 -13.37
N SER B 131 -3.60 24.02 -13.95
CA SER B 131 -2.39 23.31 -13.51
C SER B 131 -1.31 24.34 -13.19
N VAL B 132 -0.71 24.25 -12.01
CA VAL B 132 0.42 25.10 -11.68
C VAL B 132 1.68 24.28 -11.59
N VAL B 133 2.75 24.74 -12.25
CA VAL B 133 3.98 23.96 -12.37
C VAL B 133 5.21 24.62 -11.77
N CYS B 134 5.99 23.85 -11.03
CA CYS B 134 7.26 24.33 -10.48
C CYS B 134 8.40 23.46 -10.96
N PHE B 135 9.47 24.08 -11.44
CA PHE B 135 10.66 23.33 -11.86
C PHE B 135 11.81 23.59 -10.90
N LEU B 136 12.38 22.52 -10.37
CA LEU B 136 13.59 22.64 -9.58
C LEU B 136 14.70 22.06 -10.42
N ASN B 137 15.68 22.89 -10.76
CA ASN B 137 16.63 22.58 -11.82
C ASN B 137 18.09 22.59 -11.41
N ASN B 138 18.84 21.61 -11.92
CA ASN B 138 20.31 21.57 -11.84
C ASN B 138 20.91 21.64 -10.43
N PHE B 139 20.43 20.78 -9.53
CA PHE B 139 20.88 20.77 -8.14
C PHE B 139 21.55 19.44 -7.78
N TYR B 140 22.49 19.47 -6.84
CA TYR B 140 23.10 18.27 -6.28
C TYR B 140 23.34 18.57 -4.78
N PRO B 141 23.15 17.55 -3.85
CA PRO B 141 22.78 16.23 -4.33
C PRO B 141 21.27 16.01 -4.50
N LYS B 142 20.90 14.77 -4.81
CA LYS B 142 19.60 14.43 -5.44
C LYS B 142 18.34 14.62 -4.60
N ASP B 143 18.38 14.29 -3.32
CA ASP B 143 17.18 14.43 -2.50
C ASP B 143 16.78 15.90 -2.27
N ILE B 144 15.50 16.20 -2.45
CA ILE B 144 14.99 17.57 -2.44
C ILE B 144 13.53 17.58 -2.06
N ASN B 145 13.03 18.72 -1.62
CA ASN B 145 11.65 18.80 -1.17
C ASN B 145 10.90 20.01 -1.69
N VAL B 146 9.66 19.81 -2.05
CA VAL B 146 8.81 20.89 -2.48
C VAL B 146 7.52 20.91 -1.65
N LYS B 147 7.16 22.08 -1.18
CA LYS B 147 5.85 22.25 -0.60
C LYS B 147 5.15 23.39 -1.30
N TRP B 148 3.84 23.27 -1.43
CA TRP B 148 3.05 24.28 -2.16
C TRP B 148 2.18 25.01 -1.15
N LYS B 149 2.16 26.33 -1.25
CA LYS B 149 1.29 27.13 -0.41
C LYS B 149 0.30 27.91 -1.27
N ILE B 150 -0.94 27.97 -0.82
CA ILE B 150 -1.92 28.80 -1.49
C ILE B 150 -2.43 29.86 -0.51
N ASP B 151 -2.24 31.13 -0.88
CA ASP B 151 -2.61 32.23 0.01
C ASP B 151 -2.00 32.00 1.36
N GLY B 152 -0.77 31.50 1.33
CA GLY B 152 0.04 31.34 2.53
C GLY B 152 -0.14 30.03 3.25
N SER B 153 -1.08 29.20 2.79
CA SER B 153 -1.38 27.97 3.50
C SER B 153 -0.99 26.72 2.70
N GLU B 154 -0.35 25.79 3.41
CA GLU B 154 0.29 24.62 2.80
C GLU B 154 -0.73 23.70 2.15
N ARG B 155 -0.37 23.19 0.97
CA ARG B 155 -1.21 22.21 0.27
C ARG B 155 -0.39 21.01 -0.19
N GLN B 156 -0.80 19.81 0.18
CA GLN B 156 -0.08 18.59 -0.24
C GLN B 156 -0.90 17.71 -1.18
N ASN B 157 -2.20 17.99 -1.22
CA ASN B 157 -3.12 17.23 -2.05
C ASN B 157 -3.06 17.58 -3.53
N GLY B 158 -3.19 16.57 -4.38
CA GLY B 158 -3.18 16.78 -5.84
C GLY B 158 -1.86 17.26 -6.42
N VAL B 159 -0.74 16.76 -5.88
CA VAL B 159 0.57 17.18 -6.36
C VAL B 159 1.39 15.99 -6.88
N LEU B 160 1.95 16.16 -8.09
CA LEU B 160 2.71 15.12 -8.76
C LEU B 160 4.14 15.61 -9.02
N ASN B 161 5.11 14.77 -8.66
CA ASN B 161 6.52 15.12 -8.76
C ASN B 161 7.29 14.11 -9.59
N SER B 162 8.26 14.61 -10.35
CA SER B 162 9.13 13.71 -11.08
C SER B 162 10.58 14.14 -11.05
N TRP B 163 11.47 13.17 -11.14
CA TRP B 163 12.91 13.40 -11.06
C TRP B 163 13.58 12.89 -12.32
N THR B 164 14.59 13.60 -12.77
CA THR B 164 15.44 13.14 -13.87
C THR B 164 16.49 12.16 -13.38
N ASP B 165 17.18 11.55 -14.32
CA ASP B 165 18.44 10.87 -14.01
C ASP B 165 19.58 11.89 -14.07
N GLN B 166 20.80 11.44 -13.82
CA GLN B 166 21.91 12.37 -13.75
C GLN B 166 22.15 13.03 -15.11
N ASP B 167 22.34 14.34 -15.07
CA ASP B 167 22.45 15.13 -16.27
C ASP B 167 23.63 14.66 -17.10
N SER B 168 23.45 14.65 -18.41
CA SER B 168 24.44 14.17 -19.35
C SER B 168 25.71 15.02 -19.31
N LYS B 169 25.53 16.33 -19.15
CA LYS B 169 26.64 17.27 -19.11
C LYS B 169 27.04 17.61 -17.68
N ASP B 170 26.05 18.04 -16.88
CA ASP B 170 26.26 18.51 -15.51
C ASP B 170 26.59 17.44 -14.47
N SER B 171 25.89 16.30 -14.55
CA SER B 171 25.83 15.34 -13.43
C SER B 171 24.91 15.82 -12.33
N THR B 172 24.16 16.88 -12.60
CA THR B 172 23.17 17.41 -11.66
C THR B 172 21.83 16.72 -11.80
N TYR B 173 20.88 17.10 -10.94
CA TYR B 173 19.54 16.50 -10.93
C TYR B 173 18.47 17.57 -11.12
N SER B 174 17.28 17.14 -11.55
CA SER B 174 16.15 18.05 -11.80
C SER B 174 14.85 17.45 -11.30
N MET B 175 13.94 18.28 -10.83
CA MET B 175 12.62 17.79 -10.46
C MET B 175 11.50 18.75 -10.87
N SER B 176 10.35 18.19 -11.20
CA SER B 176 9.21 18.99 -11.62
C SER B 176 8.02 18.74 -10.72
N SER B 177 7.33 19.82 -10.35
CA SER B 177 6.15 19.71 -9.52
C SER B 177 4.92 20.33 -10.19
N THR B 178 3.82 19.59 -10.20
CA THR B 178 2.59 20.05 -10.78
C THR B 178 1.46 19.97 -9.77
N LEU B 179 0.76 21.07 -9.60
CA LEU B 179 -0.41 21.10 -8.74
C LEU B 179 -1.62 21.35 -9.62
N THR B 180 -2.63 20.50 -9.50
CA THR B 180 -3.80 20.64 -10.34
C THR B 180 -5.06 20.95 -9.54
N LEU B 181 -5.85 21.89 -10.03
CA LEU B 181 -7.06 22.33 -9.38
C LEU B 181 -8.15 22.48 -10.43
N THR B 182 -9.39 22.58 -9.98
CA THR B 182 -10.48 22.99 -10.85
C THR B 182 -10.29 24.47 -11.17
N LYS B 183 -10.84 24.92 -12.28
CA LYS B 183 -10.69 26.30 -12.67
C LYS B 183 -11.27 27.21 -11.61
N ASP B 184 -12.38 26.80 -11.04
CA ASP B 184 -13.05 27.60 -10.03
C ASP B 184 -12.28 27.66 -8.71
N GLU B 185 -11.71 26.53 -8.27
CA GLU B 185 -10.89 26.52 -7.09
C GLU B 185 -9.70 27.48 -7.27
N TYR B 186 -9.15 27.49 -8.47
CA TYR B 186 -8.00 28.33 -8.78
C TYR B 186 -8.36 29.81 -8.64
N GLU B 187 -9.59 30.13 -9.03
CA GLU B 187 -10.11 31.49 -8.98
C GLU B 187 -10.24 32.04 -7.55
N ARG B 188 -10.57 31.18 -6.60
CA ARG B 188 -10.85 31.61 -5.23
C ARG B 188 -9.68 32.29 -4.53
N HIS B 189 -8.47 31.80 -4.76
CA HIS B 189 -7.29 32.36 -4.09
C HIS B 189 -6.40 33.13 -5.02
N ASN B 190 -5.50 33.91 -4.43
CA ASN B 190 -4.71 34.89 -5.18
C ASN B 190 -3.24 34.48 -5.35
N SER B 191 -2.60 34.01 -4.29
CA SER B 191 -1.14 33.78 -4.30
C SER B 191 -0.80 32.31 -4.33
N TYR B 192 0.03 31.93 -5.29
CA TYR B 192 0.49 30.55 -5.36
C TYR B 192 2.00 30.48 -5.22
N THR B 193 2.44 29.65 -4.28
CA THR B 193 3.83 29.69 -3.88
C THR B 193 4.53 28.34 -3.99
N CYS B 194 5.79 28.39 -4.39
CA CYS B 194 6.64 27.22 -4.47
C CYS B 194 7.73 27.33 -3.43
N GLU B 195 7.79 26.40 -2.49
CA GLU B 195 8.90 26.38 -1.55
C GLU B 195 9.76 25.13 -1.75
N ALA B 196 11.03 25.34 -2.03
CA ALA B 196 11.94 24.24 -2.29
C ALA B 196 13.01 24.10 -1.20
N THR B 197 13.13 22.91 -0.63
CA THR B 197 14.06 22.68 0.46
C THR B 197 15.18 21.74 0.01
N HIS B 198 16.40 22.20 0.14
CA HIS B 198 17.54 21.43 -0.26
C HIS B 198 18.66 21.58 0.76
N LYS B 199 19.53 20.58 0.81
CA LYS B 199 20.66 20.56 1.76
C LYS B 199 21.62 21.73 1.49
N THR B 200 21.52 22.29 0.30
CA THR B 200 22.39 23.36 -0.10
C THR B 200 22.21 24.63 0.74
N SER B 201 20.98 24.89 1.19
CA SER B 201 20.72 26.10 1.96
C SER B 201 19.91 25.81 3.20
N THR B 202 20.13 26.62 4.23
CA THR B 202 19.37 26.51 5.47
C THR B 202 17.90 26.92 5.25
N SER B 203 17.70 27.91 4.37
CA SER B 203 16.37 28.47 4.15
C SER B 203 15.82 28.12 2.75
N PRO B 204 14.52 27.83 2.67
CA PRO B 204 13.91 27.43 1.40
C PRO B 204 14.04 28.50 0.32
N ILE B 205 14.30 28.08 -0.91
CA ILE B 205 14.19 28.97 -2.06
C ILE B 205 12.72 29.05 -2.44
N VAL B 206 12.22 30.26 -2.67
CA VAL B 206 10.78 30.48 -2.85
C VAL B 206 10.43 31.23 -4.13
N LYS B 207 9.42 30.74 -4.86
CA LYS B 207 8.88 31.44 -6.02
C LYS B 207 7.38 31.60 -5.92
N SER B 208 6.87 32.77 -6.37
CA SER B 208 5.46 33.08 -6.23
C SER B 208 4.90 33.93 -7.37
N PHE B 209 3.59 33.87 -7.55
CA PHE B 209 2.86 34.81 -8.41
C PHE B 209 1.48 35.02 -7.84
N ASN B 210 0.88 36.15 -8.21
CA ASN B 210 -0.48 36.46 -7.82
C ASN B 210 -1.38 36.46 -9.04
N ARG B 211 -2.56 35.86 -8.92
CA ARG B 211 -3.49 35.78 -10.03
C ARG B 211 -3.93 37.19 -10.47
N ASN B 212 -4.06 38.10 -9.52
CA ASN B 212 -4.41 39.49 -9.82
C ASN B 212 -3.45 40.16 -10.78
N GLU B 213 -2.16 40.06 -10.49
CA GLU B 213 -1.13 40.66 -11.33
C GLU B 213 -1.04 40.06 -12.74
N CYS B 214 -1.17 38.73 -12.84
CA CYS B 214 -1.06 38.04 -14.12
C CYS B 214 -1.76 36.67 -14.05
N VAL C 2 13.21 -6.19 21.69
CA VAL C 2 12.58 -4.84 21.68
C VAL C 2 11.15 -4.92 22.18
N GLN C 3 10.82 -4.09 23.16
CA GLN C 3 9.48 -4.03 23.67
C GLN C 3 9.04 -2.59 23.90
N LEU C 4 7.73 -2.36 23.76
CA LEU C 4 7.14 -1.08 24.02
C LEU C 4 5.86 -1.30 24.82
N VAL C 5 5.75 -0.65 25.97
CA VAL C 5 4.56 -0.81 26.79
C VAL C 5 3.88 0.51 27.07
N GLU C 6 2.67 0.69 26.52
CA GLU C 6 1.87 1.88 26.81
C GLU C 6 1.04 1.72 28.06
N SER C 7 0.74 2.85 28.70
CA SER C 7 -0.07 2.88 29.92
C SER C 7 -0.67 4.28 30.15
N GLY C 8 -1.53 4.40 31.14
CA GLY C 8 -2.16 5.68 31.46
C GLY C 8 -3.54 5.90 30.86
N GLY C 9 -4.10 4.87 30.23
CA GLY C 9 -5.45 4.96 29.66
C GLY C 9 -6.54 4.98 30.72
N GLY C 10 -7.73 5.42 30.32
CA GLY C 10 -8.92 5.30 31.18
C GLY C 10 -10.14 6.01 30.63
N LEU C 11 -11.13 6.22 31.49
CA LEU C 11 -12.29 7.02 31.15
C LEU C 11 -12.06 8.48 31.55
N VAL C 12 -12.30 9.39 30.60
CA VAL C 12 -12.00 10.81 30.78
C VAL C 12 -13.20 11.70 30.44
N GLN C 13 -13.39 12.74 31.24
CA GLN C 13 -14.45 13.75 31.02
C GLN C 13 -14.20 14.60 29.78
N PRO C 14 -15.26 14.96 29.02
CA PRO C 14 -14.97 15.90 27.93
C PRO C 14 -14.42 17.19 28.49
N GLY C 15 -13.42 17.76 27.81
CA GLY C 15 -12.72 18.95 28.31
C GLY C 15 -11.69 18.58 29.37
N GLY C 16 -11.54 17.28 29.60
CA GLY C 16 -10.57 16.78 30.57
C GLY C 16 -9.14 16.67 30.03
N SER C 17 -8.21 16.40 30.93
CA SER C 17 -6.81 16.19 30.55
C SER C 17 -6.31 14.81 31.03
N ARG C 18 -5.56 14.12 30.19
CA ARG C 18 -4.90 12.88 30.63
C ARG C 18 -3.50 12.72 30.01
N LYS C 19 -2.66 11.97 30.68
CA LYS C 19 -1.31 11.71 30.18
C LYS C 19 -1.04 10.22 29.95
N LEU C 20 -0.46 9.88 28.81
CA LEU C 20 -0.10 8.50 28.54
C LEU C 20 1.42 8.34 28.53
N SER C 21 1.90 7.16 28.88
CA SER C 21 3.33 6.89 28.82
C SER C 21 3.64 5.66 28.00
N CYS C 22 4.80 5.68 27.35
CA CYS C 22 5.35 4.50 26.74
C CYS C 22 6.71 4.16 27.36
N ALA C 23 6.88 2.93 27.84
CA ALA C 23 8.19 2.47 28.31
C ALA C 23 8.90 1.62 27.25
N ALA C 24 10.12 1.99 26.90
CA ALA C 24 10.85 1.31 25.84
C ALA C 24 12.00 0.49 26.41
N SER C 25 12.08 -0.75 25.97
CA SER C 25 13.12 -1.66 26.46
C SER C 25 13.76 -2.40 25.31
N GLY C 26 15.06 -2.68 25.45
CA GLY C 26 15.75 -3.60 24.54
C GLY C 26 16.27 -2.95 23.27
N PHE C 27 16.42 -1.63 23.31
CA PHE C 27 17.13 -0.91 22.25
C PHE C 27 17.70 0.40 22.80
N THR C 28 18.59 1.03 22.06
CA THR C 28 19.16 2.28 22.51
C THR C 28 18.19 3.38 22.23
N PHE C 29 17.51 3.85 23.28
CA PHE C 29 16.37 4.72 23.15
C PHE C 29 16.66 6.10 22.56
N ARG C 30 17.74 6.72 23.02
CA ARG C 30 18.03 8.11 22.64
C ARG C 30 18.40 8.18 21.15
N ARG C 31 18.63 7.00 20.58
CA ARG C 31 18.95 6.81 19.17
C ARG C 31 17.75 7.08 18.23
N PHE C 32 16.53 6.71 18.65
CA PHE C 32 15.39 6.62 17.75
C PHE C 32 14.28 7.67 17.96
N GLY C 33 13.59 8.01 16.87
CA GLY C 33 12.35 8.78 16.94
C GLY C 33 11.14 7.90 17.27
N MET C 34 10.12 8.50 17.88
CA MET C 34 8.94 7.76 18.27
C MET C 34 7.65 8.43 17.80
N HIS C 35 6.58 7.64 17.64
CA HIS C 35 5.30 8.15 17.15
C HIS C 35 4.19 7.76 18.07
N TRP C 36 3.09 8.49 18.00
CA TRP C 36 1.87 8.04 18.61
C TRP C 36 0.87 7.84 17.50
N VAL C 37 0.16 6.71 17.57
CA VAL C 37 -0.83 6.36 16.58
C VAL C 37 -2.04 5.92 17.34
N ARG C 38 -3.22 6.22 16.83
CA ARG C 38 -4.45 5.78 17.48
C ARG C 38 -5.40 5.10 16.51
N GLN C 39 -6.27 4.26 17.04
CA GLN C 39 -7.20 3.51 16.20
C GLN C 39 -8.60 3.59 16.76
N SER C 40 -9.56 3.90 15.90
CA SER C 40 -10.97 3.81 16.28
C SER C 40 -11.72 2.98 15.23
N PRO C 41 -12.74 2.17 15.66
CA PRO C 41 -13.34 1.32 14.62
C PRO C 41 -13.92 2.17 13.52
N GLU C 42 -14.55 3.27 13.91
CA GLU C 42 -15.17 4.17 12.97
C GLU C 42 -14.14 4.81 12.00
N LYS C 43 -13.04 5.30 12.54
CA LYS C 43 -12.07 6.05 11.75
C LYS C 43 -10.73 5.35 11.58
N GLY C 44 -10.62 4.11 12.06
CA GLY C 44 -9.42 3.30 11.84
C GLY C 44 -8.10 3.90 12.35
N LEU C 45 -7.06 3.81 11.52
CA LEU C 45 -5.68 4.11 11.94
C LEU C 45 -5.29 5.57 11.68
N GLU C 46 -5.06 6.33 12.73
CA GLU C 46 -4.69 7.75 12.57
C GLU C 46 -3.41 8.11 13.32
N TRP C 47 -2.45 8.70 12.61
CA TRP C 47 -1.21 9.17 13.22
C TRP C 47 -1.48 10.36 14.14
N VAL C 48 -0.78 10.42 15.27
CA VAL C 48 -0.99 11.54 16.21
C VAL C 48 0.18 12.51 16.27
N ALA C 49 1.36 12.02 16.59
CA ALA C 49 2.51 12.91 16.70
C ALA C 49 3.87 12.21 16.68
N TYR C 50 4.90 12.96 16.29
CA TYR C 50 6.25 12.45 16.18
C TYR C 50 7.21 13.28 17.03
N ILE C 51 8.08 12.60 17.77
CA ILE C 51 9.14 13.28 18.49
C ILE C 51 10.50 12.70 18.16
N GLY C 52 11.44 13.57 17.80
CA GLY C 52 12.79 13.14 17.44
C GLY C 52 13.56 12.65 18.64
N GLY C 53 14.68 11.91 18.39
CA GLY C 53 15.49 11.38 19.49
C GLY C 53 15.99 12.52 20.35
N GLY C 54 16.32 13.63 19.70
CA GLY C 54 16.73 14.84 20.39
C GLY C 54 15.63 15.60 21.10
N SER C 55 14.39 15.48 20.62
CA SER C 55 13.27 16.31 21.12
C SER C 55 13.22 17.65 20.42
N SER C 56 14.22 17.89 19.58
CA SER C 56 14.34 19.14 18.86
C SER C 56 13.25 19.23 17.77
N THR C 57 12.89 18.08 17.20
CA THR C 57 11.90 18.02 16.13
C THR C 57 10.59 17.39 16.62
N ILE C 58 9.49 18.13 16.51
CA ILE C 58 8.19 17.56 16.82
C ILE C 58 7.17 17.85 15.74
N TYR C 59 6.32 16.86 15.46
CA TYR C 59 5.22 17.02 14.53
C TYR C 59 3.91 16.67 15.21
N TYR C 60 2.85 17.42 14.89
CA TYR C 60 1.53 17.19 15.49
C TYR C 60 0.48 17.00 14.44
N ALA C 61 -0.44 16.08 14.70
CA ALA C 61 -1.58 15.90 13.84
C ALA C 61 -2.44 17.15 13.89
N ASP C 62 -3.00 17.50 12.75
CA ASP C 62 -3.67 18.76 12.55
C ASP C 62 -4.85 18.82 13.51
N THR C 63 -5.46 17.67 13.73
CA THR C 63 -6.56 17.51 14.66
C THR C 63 -6.19 17.68 16.15
N VAL C 64 -4.98 17.28 16.53
CA VAL C 64 -4.56 17.35 17.95
C VAL C 64 -3.72 18.58 18.29
N LYS C 65 -3.41 19.40 17.30
CA LYS C 65 -2.53 20.54 17.52
C LYS C 65 -3.07 21.47 18.58
N GLY C 66 -2.21 21.80 19.54
CA GLY C 66 -2.54 22.77 20.57
C GLY C 66 -3.24 22.15 21.78
N ARG C 67 -3.74 20.94 21.63
CA ARG C 67 -4.40 20.29 22.74
C ARG C 67 -3.55 19.14 23.27
N PHE C 68 -2.61 18.68 22.43
CA PHE C 68 -1.78 17.55 22.78
C PHE C 68 -0.32 17.92 22.71
N THR C 69 0.44 17.48 23.69
CA THR C 69 1.86 17.69 23.68
C THR C 69 2.60 16.36 23.84
N ILE C 70 3.59 16.15 22.99
CA ILE C 70 4.39 14.95 23.02
C ILE C 70 5.78 15.27 23.56
N SER C 71 6.25 14.47 24.52
CA SER C 71 7.57 14.66 25.09
C SER C 71 8.23 13.34 25.50
N ARG C 72 9.53 13.37 25.72
CA ARG C 72 10.25 12.16 26.15
C ARG C 72 11.25 12.40 27.30
N ASP C 73 11.53 11.36 28.07
CA ASP C 73 12.57 11.42 29.09
C ASP C 73 13.61 10.34 28.83
N ASN C 74 14.74 10.70 28.22
CA ASN C 74 15.73 9.71 27.76
C ASN C 74 16.38 8.86 28.85
N PRO C 75 16.70 9.47 30.00
CA PRO C 75 17.25 8.65 31.05
C PRO C 75 16.25 7.60 31.49
N LYS C 76 15.00 7.98 31.56
CA LYS C 76 13.94 7.04 31.92
C LYS C 76 13.66 5.97 30.87
N ASN C 77 13.80 6.31 29.60
CA ASN C 77 13.40 5.41 28.51
C ASN C 77 11.90 5.51 28.22
N THR C 78 11.30 6.63 28.64
CA THR C 78 9.87 6.80 28.60
C THR C 78 9.39 7.85 27.59
N LEU C 79 8.33 7.51 26.88
CA LEU C 79 7.69 8.42 25.93
C LEU C 79 6.37 8.92 26.49
N PHE C 80 6.10 10.20 26.30
CA PHE C 80 4.92 10.85 26.90
C PHE C 80 4.01 11.51 25.88
N LEU C 81 2.71 11.31 26.04
CA LEU C 81 1.74 12.12 25.35
C LEU C 81 0.79 12.67 26.37
N GLN C 82 0.74 13.99 26.45
CA GLN C 82 -0.17 14.64 27.37
C GLN C 82 -1.35 15.21 26.59
N MET C 83 -2.57 14.84 26.98
CA MET C 83 -3.76 15.32 26.27
C MET C 83 -4.57 16.30 27.09
N THR C 84 -5.02 17.39 26.40
CA THR C 84 -5.88 18.35 27.08
C THR C 84 -7.02 18.72 26.17
N SER C 85 -8.13 19.26 26.77
CA SER C 85 -9.30 19.64 25.99
C SER C 85 -9.85 18.47 25.20
N LEU C 86 -9.96 17.28 25.85
CA LEU C 86 -10.42 16.06 25.19
C LEU C 86 -11.86 16.14 24.66
N ARG C 87 -12.04 15.57 23.47
CA ARG C 87 -13.32 15.54 22.76
C ARG C 87 -13.72 14.09 22.55
N SER C 88 -14.94 13.88 22.07
CA SER C 88 -15.43 12.54 21.81
C SER C 88 -14.57 11.87 20.72
N GLU C 89 -14.16 12.66 19.73
CA GLU C 89 -13.40 12.14 18.60
C GLU C 89 -12.05 11.62 19.07
N ASP C 90 -11.64 12.03 20.25
CA ASP C 90 -10.37 11.59 20.80
C ASP C 90 -10.39 10.14 21.31
N THR C 91 -11.58 9.56 21.45
CA THR C 91 -11.71 8.19 21.90
C THR C 91 -11.08 7.24 20.90
N ALA C 92 -10.07 6.51 21.34
CA ALA C 92 -9.32 5.65 20.46
C ALA C 92 -8.48 4.72 21.29
N MET C 93 -7.87 3.73 20.64
CA MET C 93 -6.82 2.97 21.27
C MET C 93 -5.51 3.58 20.79
N TYR C 94 -4.61 3.88 21.72
CA TYR C 94 -3.39 4.60 21.38
C TYR C 94 -2.16 3.71 21.47
N TYR C 95 -1.35 3.70 20.41
CA TYR C 95 -0.13 2.89 20.36
C TYR C 95 1.13 3.75 20.23
N CYS C 96 2.14 3.49 21.05
CA CYS C 96 3.43 4.10 20.79
C CYS C 96 4.26 3.27 19.76
N THR C 97 4.93 3.94 18.81
CA THR C 97 5.76 3.23 17.84
C THR C 97 7.19 3.76 17.73
N ARG C 98 8.08 2.91 17.26
CA ARG C 98 9.46 3.28 17.10
C ARG C 98 9.72 3.57 15.64
N ASP C 99 10.31 4.74 15.37
CA ASP C 99 10.54 5.20 14.02
C ASP C 99 11.74 4.54 13.38
N GLU C 100 11.56 4.01 12.17
CA GLU C 100 12.63 3.41 11.42
C GLU C 100 12.89 4.22 10.17
N THR C 101 14.04 4.01 9.53
CA THR C 101 14.35 4.72 8.29
C THR C 101 13.26 4.51 7.27
N GLY C 102 12.82 5.60 6.66
CA GLY C 102 11.68 5.57 5.77
C GLY C 102 10.40 5.82 6.54
N SER C 103 10.51 5.89 7.85
CA SER C 103 9.37 6.10 8.72
C SER C 103 8.23 5.07 8.58
N TRP C 104 8.61 3.78 8.52
CA TRP C 104 7.67 2.70 8.82
C TRP C 104 7.88 2.23 10.25
N PHE C 105 6.90 1.51 10.84
CA PHE C 105 7.00 1.08 12.21
C PHE C 105 7.22 -0.42 12.32
N ALA C 106 8.43 -0.80 12.69
CA ALA C 106 8.79 -2.19 12.95
C ALA C 106 8.14 -2.75 14.22
N TYR C 107 8.10 -1.94 15.28
CA TYR C 107 7.63 -2.40 16.57
C TYR C 107 6.49 -1.52 17.08
N TRP C 108 5.46 -2.17 17.63
CA TRP C 108 4.30 -1.47 18.17
C TRP C 108 4.06 -1.90 19.61
N GLY C 109 3.39 -1.04 20.36
CA GLY C 109 2.93 -1.38 21.71
C GLY C 109 1.63 -2.16 21.68
N GLN C 110 1.28 -2.74 22.82
CA GLN C 110 -0.01 -3.44 22.97
C GLN C 110 -1.20 -2.46 22.95
N GLY C 111 -0.98 -1.25 23.45
CA GLY C 111 -1.98 -0.18 23.39
C GLY C 111 -2.67 0.09 24.73
N THR C 112 -3.07 1.34 24.94
CA THR C 112 -4.02 1.68 26.02
C THR C 112 -5.27 2.32 25.41
N LEU C 113 -6.43 1.96 25.95
CA LEU C 113 -7.69 2.47 25.44
C LEU C 113 -8.08 3.75 26.17
N VAL C 114 -8.39 4.80 25.42
CA VAL C 114 -8.84 6.05 26.00
C VAL C 114 -10.27 6.31 25.58
N THR C 115 -11.15 6.46 26.55
CA THR C 115 -12.56 6.76 26.26
C THR C 115 -12.87 8.09 26.89
N VAL C 116 -13.44 9.01 26.13
CA VAL C 116 -13.87 10.29 26.71
C VAL C 116 -15.37 10.45 26.65
N SER C 117 -16.01 10.35 27.80
CA SER C 117 -17.46 10.46 27.83
C SER C 117 -18.01 11.14 29.07
N ALA C 118 -19.15 11.81 28.88
CA ALA C 118 -19.91 12.38 29.98
C ALA C 118 -20.53 11.28 30.82
N ALA C 119 -20.81 10.13 30.19
CA ALA C 119 -21.58 9.03 30.80
C ALA C 119 -20.92 8.43 32.04
N LYS C 120 -21.76 8.09 33.01
CA LYS C 120 -21.33 7.61 34.32
C LYS C 120 -20.86 6.14 34.28
N THR C 121 -19.86 5.80 35.08
CA THR C 121 -19.43 4.42 35.19
C THR C 121 -20.54 3.57 35.81
N THR C 122 -20.83 2.43 35.18
CA THR C 122 -21.84 1.50 35.71
C THR C 122 -21.37 0.05 35.58
N ALA C 123 -21.67 -0.75 36.60
CA ALA C 123 -21.35 -2.15 36.58
C ALA C 123 -22.39 -2.99 35.80
N PRO C 124 -21.92 -4.06 35.15
CA PRO C 124 -22.82 -5.01 34.47
C PRO C 124 -23.62 -5.86 35.43
N SER C 125 -24.79 -6.28 34.98
CA SER C 125 -25.52 -7.35 35.65
C SER C 125 -25.46 -8.53 34.71
N VAL C 126 -25.09 -9.68 35.23
CA VAL C 126 -24.89 -10.83 34.38
C VAL C 126 -26.01 -11.83 34.57
N TYR C 127 -26.65 -12.22 33.48
CA TYR C 127 -27.75 -13.19 33.55
C TYR C 127 -27.38 -14.50 32.86
N PRO C 128 -27.51 -15.65 33.57
CA PRO C 128 -27.24 -16.90 32.84
C PRO C 128 -28.38 -17.24 31.91
N LEU C 129 -28.05 -17.74 30.72
CA LEU C 129 -29.06 -18.13 29.76
C LEU C 129 -29.02 -19.64 29.63
N ALA C 130 -30.15 -20.27 29.88
CA ALA C 130 -30.21 -21.72 29.94
C ALA C 130 -31.27 -22.27 29.01
N PRO C 131 -31.11 -23.56 28.55
CA PRO C 131 -32.08 -23.94 27.52
C PRO C 131 -33.52 -23.96 28.00
N VAL C 132 -34.44 -23.66 27.11
CA VAL C 132 -35.86 -23.72 27.42
C VAL C 132 -36.32 -25.18 27.53
N CYS C 133 -37.45 -25.38 28.22
CA CYS C 133 -38.17 -26.67 28.36
C CYS C 133 -38.36 -27.48 27.05
N GLY C 138 -31.51 -33.24 21.57
CA GLY C 138 -30.91 -33.95 22.68
C GLY C 138 -29.47 -34.31 22.39
N SER C 139 -29.03 -34.04 21.16
CA SER C 139 -27.69 -34.41 20.72
C SER C 139 -26.66 -33.29 20.93
N SER C 140 -27.11 -32.15 21.45
CA SER C 140 -26.22 -31.03 21.70
C SER C 140 -26.92 -29.98 22.58
N VAL C 141 -26.12 -29.14 23.24
CA VAL C 141 -26.65 -28.12 24.15
C VAL C 141 -26.02 -26.78 23.89
N THR C 142 -26.84 -25.74 23.84
CA THR C 142 -26.33 -24.39 23.75
C THR C 142 -26.74 -23.54 24.90
N LEU C 143 -25.78 -22.84 25.47
CA LEU C 143 -26.01 -21.99 26.63
C LEU C 143 -25.45 -20.61 26.38
N GLY C 144 -25.87 -19.66 27.21
CA GLY C 144 -25.50 -18.28 27.01
C GLY C 144 -25.35 -17.49 28.29
N CYS C 145 -24.57 -16.43 28.20
CA CYS C 145 -24.40 -15.48 29.28
C CYS C 145 -24.80 -14.15 28.70
N LEU C 146 -25.64 -13.41 29.39
CA LEU C 146 -26.01 -12.09 28.92
C LEU C 146 -25.46 -11.09 29.88
N VAL C 147 -24.65 -10.18 29.38
CA VAL C 147 -24.06 -9.16 30.20
C VAL C 147 -24.54 -7.82 29.69
N LYS C 148 -25.30 -7.11 30.52
CA LYS C 148 -25.88 -5.87 30.07
C LYS C 148 -25.85 -4.70 31.08
N GLY C 149 -26.08 -3.50 30.57
CA GLY C 149 -26.12 -2.29 31.38
C GLY C 149 -24.79 -1.90 32.02
N TYR C 150 -23.72 -1.96 31.24
CA TYR C 150 -22.40 -1.59 31.74
C TYR C 150 -21.75 -0.51 30.90
N PHE C 151 -21.06 0.41 31.57
CA PHE C 151 -20.26 1.44 30.89
C PHE C 151 -19.02 1.65 31.72
N PRO C 152 -17.89 1.87 31.06
CA PRO C 152 -17.65 1.72 29.63
C PRO C 152 -16.92 0.43 29.33
N GLU C 153 -16.55 0.23 28.06
CA GLU C 153 -15.74 -0.92 27.67
C GLU C 153 -14.33 -0.83 28.30
N PRO C 154 -13.65 -2.02 28.49
CA PRO C 154 -14.18 -3.26 27.99
C PRO C 154 -14.47 -4.24 29.11
N VAL C 155 -15.31 -5.22 28.82
CA VAL C 155 -15.62 -6.30 29.74
C VAL C 155 -14.89 -7.55 29.25
N THR C 156 -14.62 -8.47 30.14
CA THR C 156 -14.02 -9.73 29.75
C THR C 156 -14.91 -10.86 30.17
N LEU C 157 -15.26 -11.71 29.22
CA LEU C 157 -16.12 -12.83 29.51
C LEU C 157 -15.33 -14.11 29.32
N THR C 158 -15.37 -14.98 30.30
CA THR C 158 -14.66 -16.23 30.22
C THR C 158 -15.63 -17.33 30.57
N TRP C 159 -15.33 -18.54 30.14
CA TRP C 159 -16.17 -19.67 30.47
C TRP C 159 -15.34 -20.68 31.24
N ASN C 160 -15.83 -21.07 32.41
CA ASN C 160 -15.14 -22.05 33.27
C ASN C 160 -13.69 -21.68 33.58
N SER C 161 -13.46 -20.39 33.81
CA SER C 161 -12.12 -19.89 34.08
C SER C 161 -11.24 -19.88 32.84
N GLY C 162 -11.85 -20.06 31.68
CA GLY C 162 -11.10 -20.11 30.44
C GLY C 162 -10.67 -21.53 30.11
N SER C 163 -10.98 -22.44 31.03
CA SER C 163 -10.73 -23.84 30.81
C SER C 163 -11.52 -24.34 29.61
N LEU C 164 -12.70 -23.78 29.43
CA LEU C 164 -13.55 -24.15 28.30
C LEU C 164 -13.47 -23.05 27.24
N SER C 165 -12.86 -23.35 26.10
CA SER C 165 -12.65 -22.32 25.06
C SER C 165 -13.20 -22.69 23.69
N SER C 166 -13.51 -23.97 23.48
CA SER C 166 -14.06 -24.43 22.19
C SER C 166 -15.57 -24.24 22.11
N GLY C 167 -16.07 -24.07 20.89
CA GLY C 167 -17.48 -23.86 20.67
C GLY C 167 -17.99 -22.62 21.38
N VAL C 168 -17.11 -21.64 21.52
CA VAL C 168 -17.45 -20.38 22.16
C VAL C 168 -17.59 -19.23 21.17
N HIS C 169 -18.67 -18.48 21.31
CA HIS C 169 -18.83 -17.24 20.58
C HIS C 169 -19.11 -16.09 21.53
N THR C 170 -18.26 -15.07 21.51
CA THR C 170 -18.54 -13.86 22.26
C THR C 170 -18.75 -12.73 21.30
N PHE C 171 -19.86 -12.04 21.46
CA PHE C 171 -20.30 -11.06 20.49
C PHE C 171 -19.88 -9.63 20.90
N PRO C 172 -19.46 -8.79 19.91
CA PRO C 172 -19.04 -7.44 20.33
C PRO C 172 -20.15 -6.69 21.03
N ALA C 173 -19.80 -5.84 22.00
CA ALA C 173 -20.81 -5.07 22.70
C ALA C 173 -21.45 -4.03 21.79
N VAL C 174 -22.73 -3.78 22.00
CA VAL C 174 -23.44 -2.75 21.28
C VAL C 174 -23.94 -1.73 22.28
N LEU C 175 -23.79 -0.45 21.97
CA LEU C 175 -24.13 0.59 22.93
C LEU C 175 -25.45 1.28 22.61
N GLN C 176 -26.38 1.25 23.56
CA GLN C 176 -27.66 1.92 23.41
C GLN C 176 -27.94 2.82 24.62
N SER C 177 -28.19 4.11 24.35
CA SER C 177 -28.52 5.07 25.39
C SER C 177 -27.50 5.08 26.52
N ASP C 178 -26.22 5.04 26.16
CA ASP C 178 -25.14 5.17 27.15
C ASP C 178 -24.84 3.88 27.90
N LEU C 179 -25.43 2.78 27.46
CA LEU C 179 -25.16 1.49 28.11
C LEU C 179 -24.87 0.41 27.09
N TYR C 180 -23.94 -0.47 27.44
CA TYR C 180 -23.49 -1.53 26.54
C TYR C 180 -24.20 -2.85 26.85
N THR C 181 -24.52 -3.61 25.81
CA THR C 181 -25.03 -4.96 25.98
C THR C 181 -24.10 -5.95 25.30
N LEU C 182 -23.82 -7.06 25.96
CA LEU C 182 -22.93 -8.05 25.43
C LEU C 182 -23.49 -9.45 25.70
N SER C 183 -23.11 -10.42 24.88
CA SER C 183 -23.51 -11.80 25.11
C SER C 183 -22.47 -12.79 24.62
N SER C 184 -22.63 -14.04 25.06
CA SER C 184 -21.74 -15.12 24.72
C SER C 184 -22.53 -16.41 24.67
N SER C 185 -22.22 -17.28 23.72
CA SER C 185 -22.85 -18.57 23.66
C SER C 185 -21.80 -19.65 23.66
N VAL C 186 -22.10 -20.76 24.32
CA VAL C 186 -21.16 -21.86 24.42
C VAL C 186 -21.86 -23.17 24.11
N THR C 187 -21.25 -23.97 23.24
CA THR C 187 -21.85 -25.24 22.85
C THR C 187 -21.04 -26.44 23.31
N VAL C 188 -21.66 -27.33 24.06
CA VAL C 188 -20.99 -28.51 24.59
C VAL C 188 -21.88 -29.73 24.37
N THR C 189 -21.30 -30.92 24.34
CA THR C 189 -22.10 -32.11 24.09
C THR C 189 -23.04 -32.37 25.28
N SER C 190 -24.11 -33.10 25.01
CA SER C 190 -25.15 -33.34 26.00
C SER C 190 -24.63 -34.10 27.21
N SER C 191 -23.69 -35.00 26.99
CA SER C 191 -23.08 -35.71 28.11
C SER C 191 -22.40 -34.73 29.02
N THR C 192 -21.79 -33.71 28.42
CA THR C 192 -21.08 -32.67 29.17
C THR C 192 -21.95 -31.82 30.10
N TRP C 193 -23.14 -31.42 29.66
CA TRP C 193 -24.00 -30.58 30.50
C TRP C 193 -25.37 -31.19 30.54
N PRO C 194 -26.01 -31.24 31.71
CA PRO C 194 -25.58 -30.59 32.95
C PRO C 194 -24.68 -31.38 33.89
N SER C 195 -24.14 -32.48 33.41
CA SER C 195 -23.41 -33.36 34.25
C SER C 195 -22.24 -32.65 34.87
N GLN C 196 -21.38 -32.02 34.08
CA GLN C 196 -20.29 -31.26 34.66
C GLN C 196 -20.59 -29.80 34.68
N SER C 197 -19.99 -29.07 35.60
CA SER C 197 -20.38 -27.70 35.85
C SER C 197 -19.90 -26.69 34.81
N ILE C 198 -20.76 -25.74 34.45
CA ILE C 198 -20.35 -24.71 33.49
C ILE C 198 -20.70 -23.33 34.04
N THR C 199 -19.74 -22.41 33.99
CA THR C 199 -19.89 -21.12 34.66
C THR C 199 -19.45 -19.96 33.77
N CYS C 200 -20.11 -18.83 33.93
CA CYS C 200 -19.81 -17.64 33.20
C CYS C 200 -19.07 -16.66 34.13
N ASN C 201 -17.83 -16.31 33.79
CA ASN C 201 -17.09 -15.34 34.58
C ASN C 201 -16.94 -14.06 33.82
N VAL C 202 -17.41 -12.98 34.40
CA VAL C 202 -17.35 -11.70 33.75
C VAL C 202 -16.52 -10.75 34.58
N ALA C 203 -15.58 -10.07 33.95
CA ALA C 203 -14.79 -9.08 34.67
C ALA C 203 -14.97 -7.70 34.09
N HIS C 204 -15.35 -6.76 34.94
CA HIS C 204 -15.37 -5.36 34.55
C HIS C 204 -14.28 -4.65 35.31
N PRO C 205 -13.18 -4.23 34.55
CA PRO C 205 -12.15 -3.54 35.33
C PRO C 205 -12.60 -2.20 35.93
N ALA C 206 -13.35 -1.42 35.17
CA ALA C 206 -13.67 -0.07 35.59
C ALA C 206 -14.39 -0.04 36.91
N SER C 207 -15.29 -0.99 37.12
CA SER C 207 -16.06 -1.08 38.36
C SER C 207 -15.37 -1.94 39.38
N SER C 208 -14.25 -2.52 39.00
CA SER C 208 -13.55 -3.45 39.89
C SER C 208 -14.41 -4.69 40.09
N THR C 209 -15.43 -4.83 39.25
CA THR C 209 -16.39 -5.91 39.38
C THR C 209 -15.82 -7.24 38.88
N LYS C 210 -15.91 -8.24 39.73
CA LYS C 210 -15.69 -9.60 39.33
C LYS C 210 -16.94 -10.39 39.70
N VAL C 211 -17.58 -11.01 38.71
CA VAL C 211 -18.80 -11.78 38.96
C VAL C 211 -18.77 -13.13 38.26
N ASP C 212 -19.39 -14.12 38.89
CA ASP C 212 -19.52 -15.44 38.29
C ASP C 212 -20.97 -15.90 38.25
N LYS C 213 -21.41 -16.36 37.09
CA LYS C 213 -22.74 -16.94 36.96
C LYS C 213 -22.63 -18.38 36.48
N LYS C 214 -23.28 -19.28 37.20
CA LYS C 214 -23.24 -20.69 36.84
C LYS C 214 -24.58 -21.06 36.27
N ILE C 215 -24.57 -21.62 35.06
CA ILE C 215 -25.81 -21.97 34.40
C ILE C 215 -26.48 -23.13 35.11
N GLU C 216 -27.78 -22.98 35.36
CA GLU C 216 -28.54 -24.02 36.04
C GLU C 216 -29.78 -24.36 35.24
N PRO C 217 -30.03 -25.73 35.05
CA PRO C 217 -31.32 -25.98 34.39
C PRO C 217 -32.42 -25.55 35.35
N ARG C 218 -33.51 -25.02 34.84
CA ARG C 218 -34.58 -24.62 35.73
C ARG C 218 -35.92 -25.16 35.29
N VAL C 219 -36.84 -25.29 36.23
CA VAL C 219 -38.22 -25.64 35.96
C VAL C 219 -39.00 -25.31 37.24
N PRO C 220 -40.33 -25.12 37.15
CA PRO C 220 -41.03 -24.90 38.41
C PRO C 220 -41.77 -26.16 38.78
N ILE D 2 -2.60 14.44 2.52
CA ILE D 2 -2.45 13.35 1.50
C ILE D 2 -3.44 12.20 1.75
N VAL D 3 -4.18 11.82 0.73
CA VAL D 3 -5.21 10.80 0.92
C VAL D 3 -4.88 9.50 0.23
N LEU D 4 -4.89 8.43 0.99
CA LEU D 4 -4.64 7.10 0.44
C LEU D 4 -5.97 6.39 0.32
N SER D 5 -6.27 5.90 -0.88
CA SER D 5 -7.53 5.20 -1.11
C SER D 5 -7.28 3.75 -1.48
N GLN D 6 -7.81 2.86 -0.66
CA GLN D 6 -7.60 1.44 -0.81
C GLN D 6 -8.85 0.79 -1.36
N SER D 7 -8.68 -0.03 -2.39
CA SER D 7 -9.76 -0.86 -2.89
C SER D 7 -9.23 -2.26 -3.08
N PRO D 8 -10.09 -3.27 -2.91
CA PRO D 8 -11.47 -3.10 -2.45
C PRO D 8 -11.50 -2.93 -0.95
N ALA D 9 -12.60 -2.40 -0.42
CA ALA D 9 -12.82 -2.33 1.03
C ALA D 9 -12.86 -3.73 1.67
N ILE D 10 -13.56 -4.66 1.05
CA ILE D 10 -13.52 -6.07 1.50
C ILE D 10 -13.45 -7.02 0.34
N MET D 11 -12.76 -8.14 0.51
CA MET D 11 -12.74 -9.18 -0.51
C MET D 11 -12.71 -10.58 0.09
N SER D 12 -13.19 -11.55 -0.68
CA SER D 12 -13.17 -12.95 -0.27
C SER D 12 -12.24 -13.74 -1.17
N ALA D 13 -11.36 -14.52 -0.58
CA ALA D 13 -10.51 -15.39 -1.37
C ALA D 13 -10.52 -16.82 -0.84
N SER D 14 -10.70 -17.77 -1.74
CA SER D 14 -10.67 -19.18 -1.40
C SER D 14 -9.22 -19.63 -1.22
N PRO D 15 -9.00 -20.85 -0.59
CA PRO D 15 -7.58 -21.21 -0.50
C PRO D 15 -7.02 -21.53 -1.87
N GLY D 16 -5.72 -21.33 -2.03
CA GLY D 16 -5.07 -21.52 -3.33
C GLY D 16 -5.61 -20.59 -4.41
N GLU D 17 -5.75 -19.31 -4.08
CA GLU D 17 -6.15 -18.31 -5.04
C GLU D 17 -5.17 -17.14 -5.01
N LYS D 18 -5.08 -16.40 -6.11
CA LYS D 18 -4.23 -15.22 -6.17
C LYS D 18 -5.05 -14.00 -5.87
N VAL D 19 -4.56 -13.15 -4.99
CA VAL D 19 -5.30 -11.96 -4.62
C VAL D 19 -4.43 -10.71 -4.67
N THR D 20 -4.99 -9.60 -5.14
CA THR D 20 -4.26 -8.35 -5.22
C THR D 20 -5.07 -7.22 -4.64
N MET D 21 -4.38 -6.30 -3.95
CA MET D 21 -5.05 -5.17 -3.30
C MET D 21 -4.41 -3.85 -3.65
N THR D 22 -5.22 -2.80 -3.61
CA THR D 22 -4.84 -1.51 -4.16
C THR D 22 -4.91 -0.38 -3.12
N CYS D 23 -3.87 0.45 -3.12
CA CYS D 23 -3.83 1.71 -2.37
C CYS D 23 -3.68 2.82 -3.41
N SER D 24 -4.53 3.83 -3.35
CA SER D 24 -4.43 4.91 -4.33
C SER D 24 -4.02 6.21 -3.66
N ALA D 25 -3.02 6.89 -4.21
CA ALA D 25 -2.49 8.10 -3.54
C ALA D 25 -2.88 9.41 -4.20
N SER D 26 -3.26 10.38 -3.37
CA SER D 26 -3.64 11.71 -3.80
C SER D 26 -2.51 12.46 -4.46
N SER D 27 -1.31 12.29 -3.91
CA SER D 27 -0.12 12.92 -4.44
C SER D 27 0.98 11.88 -4.47
N SER D 28 1.93 12.06 -5.36
CA SER D 28 3.09 11.19 -5.40
C SER D 28 3.66 10.97 -4.00
N VAL D 29 3.83 9.72 -3.64
CA VAL D 29 4.34 9.31 -2.33
C VAL D 29 5.82 9.04 -2.23
N ARG D 30 6.37 9.52 -1.12
CA ARG D 30 7.75 9.30 -0.77
C ARG D 30 8.01 7.86 -0.32
N TYR D 31 7.11 7.29 0.47
CA TYR D 31 7.40 5.96 0.97
C TYR D 31 6.07 5.31 1.00
N MET D 32 5.97 4.06 0.56
CA MET D 32 4.72 3.34 0.79
C MET D 32 4.90 2.06 1.61
N HIS D 33 4.22 1.96 2.75
CA HIS D 33 4.37 0.79 3.58
C HIS D 33 3.05 0.04 3.78
N TRP D 34 3.16 -1.24 4.18
CA TRP D 34 2.02 -2.08 4.47
C TRP D 34 2.10 -2.71 5.85
N TYR D 35 0.95 -2.83 6.52
CA TYR D 35 0.86 -3.51 7.83
C TYR D 35 -0.25 -4.55 7.81
N GLN D 36 -0.15 -5.56 8.65
CA GLN D 36 -1.22 -6.55 8.78
C GLN D 36 -1.82 -6.52 10.18
N GLN D 37 -3.13 -6.39 10.26
CA GLN D 37 -3.80 -6.50 11.56
C GLN D 37 -4.81 -7.62 11.62
N LYS D 38 -4.64 -8.48 12.61
CA LYS D 38 -5.64 -9.49 12.94
C LYS D 38 -6.37 -9.01 14.18
N SER D 39 -7.69 -8.89 14.08
CA SER D 39 -8.44 -8.04 15.00
C SER D 39 -8.24 -8.48 16.44
N GLY D 40 -8.19 -7.49 17.33
CA GLY D 40 -7.89 -7.73 18.74
C GLY D 40 -6.41 -7.70 19.07
N THR D 41 -5.59 -7.32 18.09
CA THR D 41 -4.18 -7.13 18.35
C THR D 41 -3.67 -5.92 17.58
N SER D 42 -2.48 -5.46 17.92
CA SER D 42 -1.90 -4.30 17.28
C SER D 42 -1.53 -4.63 15.83
N PRO D 43 -1.48 -3.60 14.92
CA PRO D 43 -1.04 -3.99 13.57
C PRO D 43 0.42 -4.45 13.52
N LYS D 44 0.72 -5.38 12.62
CA LYS D 44 2.05 -5.92 12.47
C LYS D 44 2.70 -5.35 11.24
N ARG D 45 4.02 -5.15 11.29
CA ARG D 45 4.78 -4.78 10.10
C ARG D 45 4.68 -5.88 9.05
N TRP D 46 4.43 -5.51 7.80
CA TRP D 46 4.38 -6.50 6.73
C TRP D 46 5.36 -6.23 5.61
N ILE D 47 5.22 -5.06 4.98
CA ILE D 47 6.06 -4.68 3.86
C ILE D 47 6.55 -3.26 4.03
N TYR D 48 7.84 -3.02 3.81
CA TYR D 48 8.30 -1.65 3.85
C TYR D 48 8.92 -1.21 2.55
N ASP D 49 8.86 0.09 2.28
CA ASP D 49 9.49 0.61 1.08
C ASP D 49 8.96 -0.08 -0.16
N THR D 50 7.66 -0.29 -0.20
CA THR D 50 7.00 -0.84 -1.38
C THR D 50 7.19 -2.34 -1.60
N SER D 51 8.42 -2.80 -1.73
CA SER D 51 8.66 -4.19 -2.09
C SER D 51 9.35 -5.10 -1.07
N LYS D 52 9.66 -4.60 0.11
CA LYS D 52 10.52 -5.37 1.03
C LYS D 52 9.75 -6.09 2.13
N LEU D 53 9.97 -7.40 2.23
CA LEU D 53 9.27 -8.22 3.21
C LEU D 53 9.82 -7.99 4.60
N ALA D 54 8.94 -7.97 5.60
CA ALA D 54 9.37 -7.98 6.99
C ALA D 54 9.91 -9.37 7.31
N SER D 55 10.86 -9.46 8.22
CA SER D 55 11.38 -10.77 8.59
C SER D 55 10.23 -11.55 9.16
N GLY D 56 9.99 -12.74 8.64
CA GLY D 56 8.89 -13.56 9.13
C GLY D 56 7.60 -13.57 8.31
N VAL D 57 7.37 -12.57 7.47
CA VAL D 57 6.33 -12.70 6.44
C VAL D 57 6.74 -13.72 5.37
N PRO D 58 5.77 -14.53 4.90
CA PRO D 58 5.98 -15.54 3.88
C PRO D 58 6.15 -14.99 2.46
N THR D 59 6.70 -15.83 1.59
CA THR D 59 7.14 -15.44 0.27
C THR D 59 5.99 -15.02 -0.63
N ARG D 60 4.81 -15.59 -0.41
CA ARG D 60 3.72 -15.43 -1.34
C ARG D 60 3.35 -13.97 -1.53
N PHE D 61 3.45 -13.19 -0.45
CA PHE D 61 3.15 -11.78 -0.48
C PHE D 61 4.14 -11.02 -1.35
N SER D 62 3.64 -10.05 -2.11
CA SER D 62 4.49 -9.18 -2.90
C SER D 62 4.01 -7.74 -2.74
N GLY D 63 4.94 -6.81 -2.83
CA GLY D 63 4.61 -5.39 -2.77
C GLY D 63 5.07 -4.70 -4.03
N SER D 64 4.21 -3.88 -4.62
CA SER D 64 4.56 -3.25 -5.89
C SER D 64 3.90 -1.89 -6.14
N GLY D 65 4.32 -1.28 -7.24
CA GLY D 65 3.72 -0.06 -7.74
C GLY D 65 4.67 1.10 -7.66
N SER D 66 4.43 2.12 -8.47
CA SER D 66 5.21 3.33 -8.40
C SER D 66 4.34 4.54 -8.73
N GLY D 67 4.68 5.68 -8.14
CA GLY D 67 4.03 6.93 -8.49
C GLY D 67 2.82 7.22 -7.66
N THR D 68 1.66 6.77 -8.13
CA THR D 68 0.41 6.94 -7.39
C THR D 68 -0.20 5.60 -6.97
N SER D 69 0.16 4.52 -7.66
CA SER D 69 -0.53 3.25 -7.41
C SER D 69 0.41 2.17 -6.93
N TYR D 70 0.06 1.60 -5.81
CA TYR D 70 0.85 0.54 -5.22
C TYR D 70 -0.07 -0.63 -4.98
N SER D 71 0.47 -1.82 -5.00
CA SER D 71 -0.39 -3.00 -4.87
C SER D 71 0.18 -4.02 -3.90
N LEU D 72 -0.70 -4.74 -3.22
CA LEU D 72 -0.28 -5.89 -2.42
C LEU D 72 -0.86 -7.17 -3.02
N PRO D 73 0.01 -8.19 -3.37
CA PRO D 73 -0.64 -9.41 -3.83
C PRO D 73 -0.13 -10.62 -3.04
N ILE D 74 -0.92 -11.68 -3.05
CA ILE D 74 -0.50 -12.94 -2.47
C ILE D 74 -0.51 -13.94 -3.59
N SER D 75 0.50 -14.80 -3.63
CA SER D 75 0.58 -15.84 -4.68
C SER D 75 -0.55 -16.85 -4.54
N SER D 76 -0.69 -17.40 -3.35
CA SER D 76 -1.72 -18.37 -3.05
C SER D 76 -2.39 -18.00 -1.73
N MET D 77 -3.70 -17.94 -1.72
CA MET D 77 -4.45 -17.60 -0.51
C MET D 77 -4.29 -18.68 0.53
N GLU D 78 -4.22 -18.27 1.79
CA GLU D 78 -4.08 -19.22 2.89
C GLU D 78 -5.06 -18.85 4.00
N ALA D 79 -5.42 -19.84 4.81
CA ALA D 79 -6.36 -19.65 5.89
C ALA D 79 -5.84 -18.60 6.91
N GLU D 80 -4.55 -18.69 7.21
CA GLU D 80 -3.91 -17.79 8.14
C GLU D 80 -3.83 -16.36 7.61
N ASP D 81 -3.92 -16.22 6.29
CA ASP D 81 -3.75 -14.94 5.64
C ASP D 81 -4.84 -13.94 5.98
N GLY D 82 -6.07 -14.43 6.20
CA GLY D 82 -7.21 -13.53 6.50
C GLY D 82 -6.90 -12.46 7.55
N ALA D 83 -6.99 -11.17 7.17
CA ALA D 83 -6.72 -10.06 8.09
C ALA D 83 -7.11 -8.76 7.40
N SER D 84 -6.98 -7.65 8.11
CA SER D 84 -7.05 -6.33 7.50
C SER D 84 -5.66 -5.93 7.09
N TYR D 85 -5.53 -5.36 5.88
CA TYR D 85 -4.23 -4.83 5.45
C TYR D 85 -4.28 -3.32 5.25
N TYR D 86 -3.28 -2.62 5.78
CA TYR D 86 -3.23 -1.15 5.74
C TYR D 86 -2.02 -0.67 4.96
N CYS D 87 -2.21 0.34 4.11
CA CYS D 87 -1.06 0.99 3.49
C CYS D 87 -0.78 2.31 4.24
N GLN D 88 0.51 2.64 4.36
CA GLN D 88 0.92 3.88 5.04
C GLN D 88 2.06 4.56 4.29
N GLN D 89 2.09 5.88 4.38
CA GLN D 89 3.09 6.68 3.66
C GLN D 89 3.75 7.75 4.52
N TRP D 90 4.98 8.09 4.18
CA TRP D 90 5.67 9.24 4.76
C TRP D 90 6.23 10.06 3.63
N ASN D 91 5.88 11.34 3.55
CA ASN D 91 6.47 12.21 2.53
C ASN D 91 7.53 13.18 3.02
N GLY D 92 7.95 13.03 4.27
CA GLY D 92 8.91 13.92 4.87
C GLY D 92 8.27 15.13 5.49
N TYR D 93 6.94 15.21 5.42
CA TYR D 93 6.20 16.30 6.08
C TYR D 93 4.92 15.83 6.78
N PRO D 94 4.63 16.36 8.00
CA PRO D 94 3.38 15.89 8.62
C PRO D 94 2.14 16.46 7.95
N PRO D 95 1.00 15.68 7.95
CA PRO D 95 0.84 14.42 8.65
C PRO D 95 1.36 13.20 7.89
N LEU D 96 1.77 12.18 8.62
CA LEU D 96 1.94 10.84 8.08
C LEU D 96 0.53 10.21 7.94
N THR D 97 0.32 9.42 6.90
CA THR D 97 -1.05 9.06 6.53
C THR D 97 -1.30 7.60 6.23
N PHE D 98 -2.53 7.17 6.50
CA PHE D 98 -2.90 5.76 6.44
C PHE D 98 -4.08 5.53 5.50
N GLY D 99 -4.14 4.32 4.93
CA GLY D 99 -5.30 3.89 4.17
C GLY D 99 -6.50 3.51 5.04
N GLY D 100 -7.69 3.51 4.44
CA GLY D 100 -8.90 3.00 5.10
C GLY D 100 -8.74 1.51 5.40
N GLY D 101 -7.98 0.80 4.58
CA GLY D 101 -7.66 -0.60 4.84
C GLY D 101 -8.48 -1.58 4.00
N THR D 102 -7.90 -2.72 3.68
CA THR D 102 -8.60 -3.77 2.95
C THR D 102 -8.82 -4.96 3.85
N LYS D 103 -10.08 -5.36 3.98
CA LYS D 103 -10.39 -6.49 4.83
C LYS D 103 -10.44 -7.75 3.99
N LEU D 104 -9.58 -8.71 4.28
CA LEU D 104 -9.53 -9.94 3.49
C LEU D 104 -10.18 -11.13 4.21
N GLU D 105 -11.40 -11.49 3.78
CA GLU D 105 -12.12 -12.65 4.31
C GLU D 105 -11.66 -13.94 3.67
N MET D 106 -11.97 -15.06 4.30
CA MET D 106 -11.65 -16.36 3.76
C MET D 106 -12.92 -16.97 3.19
N LYS D 107 -12.92 -17.24 1.89
CA LYS D 107 -14.09 -17.82 1.23
C LYS D 107 -14.25 -19.29 1.63
N ARG D 108 -15.50 -19.72 1.76
CA ARG D 108 -15.80 -21.09 2.15
C ARG D 108 -17.18 -21.50 1.74
N ALA D 109 -17.51 -22.76 1.92
CA ALA D 109 -18.80 -23.30 1.53
C ALA D 109 -19.95 -22.67 2.32
N ASP D 110 -21.11 -22.59 1.68
CA ASP D 110 -22.33 -22.12 2.30
C ASP D 110 -22.68 -22.98 3.51
N ALA D 111 -23.15 -22.33 4.57
CA ALA D 111 -23.57 -23.06 5.77
C ALA D 111 -24.84 -22.45 6.32
N ALA D 112 -25.63 -23.25 6.99
CA ALA D 112 -26.93 -22.82 7.49
C ALA D 112 -26.83 -22.54 8.98
N PRO D 113 -27.54 -21.50 9.50
CA PRO D 113 -27.34 -21.25 10.93
C PRO D 113 -28.04 -22.28 11.80
N THR D 114 -27.54 -22.45 13.00
CA THR D 114 -28.28 -23.12 14.04
C THR D 114 -28.85 -22.03 14.93
N VAL D 115 -30.10 -22.17 15.31
CA VAL D 115 -30.78 -21.15 16.06
C VAL D 115 -31.17 -21.64 17.46
N SER D 116 -30.89 -20.81 18.47
CA SER D 116 -31.26 -21.07 19.84
C SER D 116 -31.96 -19.84 20.40
N ILE D 117 -33.07 -20.04 21.10
CA ILE D 117 -33.78 -18.93 21.72
C ILE D 117 -33.76 -19.09 23.22
N PHE D 118 -33.43 -18.01 23.92
CA PHE D 118 -33.33 -18.08 25.37
C PHE D 118 -34.27 -17.14 26.06
N PRO D 119 -35.12 -17.78 26.98
CA PRO D 119 -36.03 -16.86 27.68
C PRO D 119 -35.36 -16.05 28.78
N PRO D 120 -36.10 -14.95 29.23
CA PRO D 120 -35.40 -14.16 30.26
C PRO D 120 -35.11 -14.97 31.50
N SER D 121 -33.97 -14.67 32.13
CA SER D 121 -33.55 -15.32 33.36
C SER D 121 -34.39 -14.91 34.56
N SER D 122 -34.48 -15.79 35.56
CA SER D 122 -35.28 -15.53 36.74
C SER D 122 -34.73 -14.34 37.52
N GLU D 123 -33.41 -14.21 37.55
CA GLU D 123 -32.80 -13.07 38.20
C GLU D 123 -33.18 -11.76 37.50
N GLN D 124 -33.22 -11.78 36.18
CA GLN D 124 -33.57 -10.59 35.41
C GLN D 124 -35.00 -10.14 35.68
N LEU D 125 -35.90 -11.10 35.82
CA LEU D 125 -37.30 -10.83 36.13
C LEU D 125 -37.46 -10.22 37.52
N THR D 126 -36.74 -10.77 38.49
CA THR D 126 -36.77 -10.28 39.85
C THR D 126 -36.28 -8.84 39.86
N SER D 127 -35.34 -8.56 38.97
CA SER D 127 -34.79 -7.23 38.82
C SER D 127 -35.76 -6.28 38.14
N GLY D 128 -36.83 -6.83 37.58
CA GLY D 128 -37.89 -6.00 36.99
C GLY D 128 -37.77 -5.73 35.50
N GLY D 129 -36.91 -6.47 34.80
CA GLY D 129 -36.75 -6.31 33.34
C GLY D 129 -36.80 -7.65 32.64
N ALA D 130 -37.09 -7.65 31.34
CA ALA D 130 -37.16 -8.87 30.56
C ALA D 130 -36.33 -8.78 29.30
N SER D 131 -35.51 -9.80 29.06
CA SER D 131 -34.69 -9.85 27.84
C SER D 131 -34.81 -11.22 27.18
N VAL D 132 -35.00 -11.24 25.87
CA VAL D 132 -34.98 -12.51 25.15
C VAL D 132 -33.86 -12.49 24.11
N VAL D 133 -33.10 -13.59 24.06
CA VAL D 133 -31.94 -13.67 23.17
C VAL D 133 -32.05 -14.77 22.11
N CYS D 134 -31.66 -14.45 20.89
CA CYS D 134 -31.53 -15.42 19.82
C CYS D 134 -30.06 -15.53 19.42
N PHE D 135 -29.55 -16.76 19.34
CA PHE D 135 -28.22 -16.96 18.75
C PHE D 135 -28.31 -17.55 17.36
N LEU D 136 -27.64 -16.94 16.39
CA LEU D 136 -27.47 -17.57 15.08
C LEU D 136 -26.02 -17.96 14.88
N ASN D 137 -25.75 -19.26 14.90
CA ASN D 137 -24.38 -19.76 15.01
C ASN D 137 -23.85 -20.47 13.77
N ASN D 138 -22.59 -20.20 13.43
CA ASN D 138 -21.84 -20.95 12.40
C ASN D 138 -22.45 -21.00 10.99
N PHE D 139 -22.73 -19.83 10.40
CA PHE D 139 -23.36 -19.77 9.06
C PHE D 139 -22.49 -19.07 8.02
N TYR D 140 -22.72 -19.37 6.75
CA TYR D 140 -22.03 -18.68 5.64
C TYR D 140 -22.96 -18.66 4.41
N PRO D 141 -22.97 -17.53 3.66
CA PRO D 141 -22.12 -16.38 3.98
C PRO D 141 -22.74 -15.41 5.01
N LYS D 142 -22.06 -14.28 5.19
CA LYS D 142 -22.22 -13.40 6.36
C LYS D 142 -23.56 -12.70 6.55
N ASP D 143 -24.14 -12.18 5.48
CA ASP D 143 -25.37 -11.41 5.61
C ASP D 143 -26.54 -12.30 6.07
N ILE D 144 -27.31 -11.80 7.02
CA ILE D 144 -28.36 -12.58 7.64
C ILE D 144 -29.44 -11.68 8.25
N ASN D 145 -30.62 -12.24 8.45
CA ASN D 145 -31.74 -11.47 8.99
C ASN D 145 -32.41 -12.18 10.13
N VAL D 146 -32.77 -11.42 11.14
CA VAL D 146 -33.60 -11.92 12.21
C VAL D 146 -34.86 -11.07 12.34
N LYS D 147 -35.97 -11.73 12.59
CA LYS D 147 -37.23 -11.07 12.77
C LYS D 147 -37.82 -11.59 14.07
N TRP D 148 -38.40 -10.70 14.88
CA TRP D 148 -39.01 -11.12 16.13
C TRP D 148 -40.52 -11.05 16.05
N LYS D 149 -41.18 -12.07 16.56
CA LYS D 149 -42.63 -12.08 16.59
C LYS D 149 -43.14 -12.34 18.00
N ILE D 150 -44.12 -11.55 18.42
CA ILE D 150 -44.80 -11.79 19.68
C ILE D 150 -46.28 -12.09 19.44
N ASP D 151 -46.71 -13.25 19.89
CA ASP D 151 -48.08 -13.65 19.72
C ASP D 151 -48.47 -13.52 18.26
N GLY D 152 -47.50 -13.81 17.40
CA GLY D 152 -47.71 -13.78 15.96
C GLY D 152 -47.49 -12.42 15.31
N SER D 153 -47.15 -11.43 16.10
CA SER D 153 -47.01 -10.07 15.60
C SER D 153 -45.56 -9.63 15.63
N GLU D 154 -45.09 -9.10 14.51
CA GLU D 154 -43.71 -8.68 14.39
C GLU D 154 -43.38 -7.48 15.28
N ARG D 155 -42.25 -7.56 15.97
CA ARG D 155 -41.77 -6.44 16.77
C ARG D 155 -40.37 -6.04 16.32
N GLN D 156 -40.23 -4.79 15.89
CA GLN D 156 -38.97 -4.29 15.35
C GLN D 156 -38.24 -3.36 16.31
N ASN D 157 -38.83 -3.13 17.49
CA ASN D 157 -38.38 -2.08 18.38
C ASN D 157 -37.65 -2.62 19.60
N GLY D 158 -36.51 -2.01 19.94
CA GLY D 158 -35.71 -2.47 21.07
C GLY D 158 -34.97 -3.79 20.79
N VAL D 159 -34.42 -3.91 19.58
CA VAL D 159 -33.66 -5.08 19.19
C VAL D 159 -32.22 -4.71 18.86
N LEU D 160 -31.28 -5.42 19.48
CA LEU D 160 -29.85 -5.21 19.23
C LEU D 160 -29.19 -6.45 18.62
N ASN D 161 -28.45 -6.24 17.54
CA ASN D 161 -27.82 -7.34 16.79
C ASN D 161 -26.30 -7.20 16.72
N SER D 162 -25.61 -8.32 16.95
CA SER D 162 -24.16 -8.32 16.92
C SER D 162 -23.61 -9.49 16.09
N TRP D 163 -22.47 -9.25 15.44
CA TRP D 163 -21.85 -10.22 14.57
C TRP D 163 -20.43 -10.50 15.05
N THR D 164 -20.03 -11.76 15.04
CA THR D 164 -18.63 -12.06 15.23
C THR D 164 -17.92 -11.79 13.94
N ASP D 165 -16.60 -11.80 13.97
CA ASP D 165 -15.83 -11.93 12.73
C ASP D 165 -15.71 -13.41 12.39
N GLN D 166 -15.02 -13.73 11.31
CA GLN D 166 -14.87 -15.11 10.90
C GLN D 166 -14.24 -16.01 11.96
N ASP D 167 -14.83 -17.20 12.12
CA ASP D 167 -14.38 -18.13 13.11
C ASP D 167 -13.02 -18.73 12.76
N SER D 168 -12.25 -19.03 13.78
CA SER D 168 -10.86 -19.46 13.61
C SER D 168 -10.77 -20.83 12.94
N LYS D 169 -11.62 -21.76 13.36
CA LYS D 169 -11.59 -23.11 12.82
C LYS D 169 -12.61 -23.28 11.69
N ASP D 170 -13.84 -22.82 11.94
CA ASP D 170 -14.94 -22.98 11.02
C ASP D 170 -14.83 -22.07 9.79
N SER D 171 -14.40 -20.82 10.00
CA SER D 171 -14.44 -19.81 8.94
C SER D 171 -15.87 -19.27 8.75
N THR D 172 -16.75 -19.61 9.68
CA THR D 172 -18.14 -19.17 9.65
C THR D 172 -18.39 -17.86 10.45
N TYR D 173 -19.63 -17.41 10.44
CA TYR D 173 -20.05 -16.21 11.22
C TYR D 173 -21.18 -16.61 12.13
N SER D 174 -21.36 -15.83 13.19
CA SER D 174 -22.48 -16.01 14.10
C SER D 174 -23.06 -14.65 14.45
N MET D 175 -24.36 -14.62 14.76
CA MET D 175 -25.01 -13.39 15.11
C MET D 175 -25.86 -13.58 16.36
N SER D 176 -25.98 -12.52 17.15
CA SER D 176 -26.72 -12.59 18.40
C SER D 176 -27.79 -11.52 18.42
N SER D 177 -29.01 -11.90 18.81
CA SER D 177 -30.10 -10.94 18.83
C SER D 177 -30.79 -10.91 20.17
N THR D 178 -31.03 -9.69 20.68
CA THR D 178 -31.68 -9.53 21.98
C THR D 178 -32.91 -8.66 21.88
N LEU D 179 -34.00 -9.14 22.44
CA LEU D 179 -35.22 -8.36 22.51
C LEU D 179 -35.43 -7.94 23.96
N THR D 180 -35.56 -6.64 24.19
CA THR D 180 -35.67 -6.10 25.55
C THR D 180 -37.04 -5.47 25.83
N LEU D 181 -37.68 -5.95 26.87
CA LEU D 181 -39.05 -5.57 27.24
C LEU D 181 -39.04 -5.26 28.73
N THR D 182 -40.05 -4.55 29.21
CA THR D 182 -40.32 -4.50 30.65
C THR D 182 -41.01 -5.79 31.11
N LYS D 183 -40.81 -6.15 32.36
CA LYS D 183 -41.35 -7.40 32.85
C LYS D 183 -42.85 -7.45 32.65
N ASP D 184 -43.52 -6.36 33.00
CA ASP D 184 -44.96 -6.32 32.95
C ASP D 184 -45.42 -6.52 31.51
N GLU D 185 -44.74 -5.86 30.60
CA GLU D 185 -45.04 -5.98 29.17
C GLU D 185 -44.83 -7.41 28.67
N TYR D 186 -43.73 -8.02 29.12
CA TYR D 186 -43.35 -9.35 28.68
C TYR D 186 -44.42 -10.32 29.10
N GLU D 187 -45.03 -10.03 30.25
CA GLU D 187 -46.09 -10.85 30.80
C GLU D 187 -47.44 -10.64 30.10
N ARG D 188 -47.50 -9.64 29.24
CA ARG D 188 -48.71 -9.41 28.44
C ARG D 188 -48.96 -10.55 27.43
N HIS D 189 -47.88 -11.11 26.88
CA HIS D 189 -47.99 -12.06 25.78
C HIS D 189 -47.36 -13.42 26.08
N ASN D 190 -47.99 -14.47 25.57
CA ASN D 190 -47.53 -15.83 25.79
C ASN D 190 -46.33 -16.32 24.93
N SER D 191 -46.35 -16.04 23.63
CA SER D 191 -45.43 -16.72 22.70
C SER D 191 -44.37 -15.80 22.10
N TYR D 192 -43.11 -16.20 22.17
CA TYR D 192 -42.04 -15.41 21.61
C TYR D 192 -41.30 -16.20 20.54
N THR D 193 -41.15 -15.59 19.37
CA THR D 193 -40.61 -16.31 18.24
C THR D 193 -39.38 -15.65 17.61
N CYS D 194 -38.43 -16.48 17.24
CA CYS D 194 -37.24 -16.04 16.56
C CYS D 194 -37.29 -16.50 15.12
N GLU D 195 -37.28 -15.57 14.18
CA GLU D 195 -37.22 -15.94 12.77
C GLU D 195 -35.89 -15.53 12.15
N ALA D 196 -35.21 -16.50 11.54
CA ALA D 196 -33.93 -16.21 10.91
C ALA D 196 -33.92 -16.55 9.44
N THR D 197 -33.50 -15.59 8.63
CA THR D 197 -33.54 -15.76 7.18
C THR D 197 -32.15 -15.69 6.60
N HIS D 198 -31.80 -16.69 5.81
CA HIS D 198 -30.46 -16.79 5.25
C HIS D 198 -30.51 -17.25 3.79
N LYS D 199 -29.45 -16.97 3.08
CA LYS D 199 -29.36 -17.30 1.66
C LYS D 199 -29.46 -18.83 1.44
N THR D 200 -29.11 -19.62 2.45
CA THR D 200 -29.13 -21.07 2.30
C THR D 200 -30.51 -21.66 2.05
N SER D 201 -31.53 -21.07 2.65
CA SER D 201 -32.87 -21.62 2.53
C SER D 201 -33.86 -20.57 2.11
N THR D 202 -34.80 -20.96 1.27
CA THR D 202 -35.91 -20.10 0.92
C THR D 202 -36.79 -19.83 2.16
N SER D 203 -36.97 -20.86 2.98
CA SER D 203 -37.81 -20.75 4.17
C SER D 203 -36.98 -20.38 5.41
N PRO D 204 -37.52 -19.47 6.23
CA PRO D 204 -36.82 -19.05 7.43
C PRO D 204 -36.77 -20.15 8.49
N ILE D 205 -35.75 -20.13 9.33
CA ILE D 205 -35.63 -21.08 10.42
C ILE D 205 -36.22 -20.49 11.70
N VAL D 206 -37.15 -21.20 12.32
CA VAL D 206 -37.95 -20.64 13.39
C VAL D 206 -37.77 -21.35 14.74
N LYS D 207 -37.54 -20.56 15.78
CA LYS D 207 -37.47 -21.07 17.14
C LYS D 207 -38.37 -20.24 18.03
N SER D 208 -39.06 -20.90 18.96
CA SER D 208 -39.94 -20.19 19.87
C SER D 208 -40.20 -20.92 21.18
N PHE D 209 -40.68 -20.19 22.16
CA PHE D 209 -41.11 -20.76 23.42
C PHE D 209 -42.36 -20.01 23.91
N ASN D 210 -43.15 -20.66 24.74
CA ASN D 210 -44.29 -20.02 25.37
C ASN D 210 -43.96 -19.69 26.80
N ARG D 211 -44.25 -18.45 27.22
CA ARG D 211 -43.94 -18.02 28.58
C ARG D 211 -44.49 -19.03 29.58
N ASN D 212 -45.62 -19.63 29.23
CA ASN D 212 -46.11 -20.79 29.95
C ASN D 212 -45.22 -21.97 29.64
N GLU D 213 -45.06 -22.86 30.61
CA GLU D 213 -44.22 -24.07 30.45
C GLU D 213 -42.75 -23.78 30.71
N CYS D 214 -42.42 -22.51 30.95
CA CYS D 214 -41.04 -22.06 31.11
C CYS D 214 -40.96 -20.56 30.91
C1 KDO E . 31.30 -27.87 -32.30
O1A KDO E . 31.03 -28.03 -31.10
O1B KDO E . 32.41 -28.24 -32.80
C2 KDO E . 30.26 -27.26 -33.23
O2 KDO E . 30.90 -26.74 -34.41
C3 KDO E . 29.22 -28.32 -33.62
C4 KDO E . 28.02 -27.75 -34.42
O4 KDO E . 26.97 -28.75 -34.61
C5 KDO E . 27.48 -26.46 -33.78
O5 KDO E . 26.68 -26.79 -32.62
C6 KDO E . 28.65 -25.50 -33.41
O6 KDO E . 29.62 -26.15 -32.56
C7 KDO E . 28.19 -24.14 -32.84
O7 KDO E . 27.41 -23.43 -33.79
C8 KDO E . 29.40 -23.29 -32.43
O8 KDO E . 29.84 -23.62 -31.11
C1 GMH E . 25.23 -26.73 -32.91
C2 GMH E . 24.47 -25.77 -32.01
C3 GMH E . 24.64 -26.16 -30.53
C4 GMH E . 24.29 -27.65 -30.31
C5 GMH E . 24.87 -28.58 -31.43
C6 GMH E . 24.25 -29.99 -31.46
C7 GMH E . 22.81 -30.00 -30.97
O2 GMH E . 23.08 -25.83 -32.38
O3 GMH E . 23.78 -25.31 -29.72
O4 GMH E . 24.78 -28.04 -29.00
O5 GMH E . 24.71 -28.04 -32.75
O6 GMH E . 25.06 -30.91 -30.71
O7 GMH E . 22.09 -31.09 -31.57
C1 GMH E . 24.37 -24.62 -28.62
C2 GMH E . 23.37 -23.92 -27.73
C3 GMH E . 22.99 -22.71 -28.56
C4 GMH E . 24.22 -21.84 -28.78
C5 GMH E . 25.32 -22.65 -29.53
C6 GMH E . 26.67 -21.93 -29.62
C7 GMH E . 27.09 -21.41 -28.26
O2 GMH E . 23.89 -23.42 -26.45
O3 GMH E . 21.98 -21.94 -27.90
O4 GMH E . 23.81 -20.68 -29.49
O5 GMH E . 25.56 -23.89 -28.84
O6 GMH E . 26.66 -20.85 -30.57
O7 GMH E . 27.41 -22.54 -27.42
C1 NDG E . 23.76 -24.33 -25.33
C2 NDG E . 23.75 -23.60 -23.98
C3 NDG E . 25.06 -22.84 -23.80
C4 NDG E . 26.25 -23.78 -23.92
C5 NDG E . 26.12 -24.64 -25.19
C6 NDG E . 27.23 -25.68 -25.26
C7 NDG E . 21.45 -23.02 -23.36
C8 NDG E . 20.45 -21.91 -23.21
O5 NDG E . 24.82 -25.26 -25.31
O3 NDG E . 25.08 -22.16 -22.55
O4 NDG E . 27.46 -22.98 -23.96
O6 NDG E . 27.06 -26.62 -24.19
O7 NDG E . 21.16 -24.19 -23.08
N2 NDG E . 22.65 -22.67 -23.81
C2 BGC E . 24.27 -28.62 -26.70
C3 BGC E . 23.16 -29.18 -25.87
C4 BGC E . 22.13 -28.11 -25.77
C5 BGC E . 21.60 -27.80 -27.17
C6 BGC E . 20.76 -26.54 -27.09
C1 BGC E . 23.73 -28.47 -28.11
O2 BGC E . 25.38 -29.52 -26.68
O3 BGC E . 23.60 -29.52 -24.56
O4 BGC E . 21.07 -28.62 -24.96
O5 BGC E . 22.67 -27.53 -28.10
O6 BGC E . 19.73 -26.71 -26.11
C1 KDO F . 23.77 8.98 9.96
O1A KDO F . 23.25 10.13 9.84
O1B KDO F . 24.14 8.33 8.96
C2 KDO F . 23.95 8.38 11.37
O2 KDO F . 25.11 7.54 11.42
C3 KDO F . 24.16 9.53 12.39
C4 KDO F . 23.98 9.06 13.84
O4 KDO F . 24.14 10.15 14.77
C5 KDO F . 22.61 8.39 13.99
O5 KDO F . 21.56 9.24 13.49
C6 KDO F . 22.68 7.14 13.11
O6 KDO F . 22.79 7.54 11.72
C7 KDO F . 21.47 6.26 13.37
O7 KDO F . 21.37 6.00 14.78
C8 KDO F . 21.60 4.95 12.60
O8 KDO F . 21.81 5.26 11.22
C1 GMH F . 20.98 10.04 14.46
C2 GMH F . 19.48 9.95 14.57
C3 GMH F . 18.85 10.49 13.28
C4 GMH F . 19.31 11.92 12.96
C5 GMH F . 20.83 12.19 13.27
C6 GMH F . 21.12 13.65 13.70
C7 GMH F . 19.84 14.42 14.02
O2 GMH F . 19.01 10.70 15.70
O3 GMH F . 17.42 10.51 13.46
O4 GMH F . 18.96 12.19 11.58
O5 GMH F . 21.38 11.40 14.35
O6 GMH F . 21.91 14.35 12.73
O7 GMH F . 20.16 15.68 14.61
C1 GMH F . 16.71 9.88 12.42
C2 GMH F . 15.25 10.15 12.44
C3 GMH F . 14.72 9.27 13.56
C4 GMH F . 15.10 7.79 13.30
C5 GMH F . 16.62 7.61 13.07
C6 GMH F . 17.03 6.24 12.46
C7 GMH F . 15.91 5.62 11.65
O2 GMH F . 14.57 9.73 11.23
O3 GMH F . 13.29 9.44 13.67
O4 GMH F . 14.66 7.00 14.39
O5 GMH F . 17.05 8.57 12.10
O6 GMH F . 17.47 5.27 13.40
O7 GMH F . 15.61 6.51 10.58
C1 NDG F . 14.35 10.77 10.27
C2 NDG F . 13.07 10.55 9.48
C3 NDG F . 13.08 9.25 8.69
C4 NDG F . 14.37 9.08 7.92
C5 NDG F . 15.57 9.44 8.81
C6 NDG F . 16.89 9.36 8.05
C7 NDG F . 10.95 11.48 10.23
C8 NDG F . 9.75 11.33 11.12
O5 NDG F . 15.41 10.76 9.35
O3 NDG F . 12.00 9.23 7.78
O4 NDG F . 14.41 7.73 7.41
O6 NDG F . 17.04 10.53 7.22
O7 NDG F . 11.09 12.45 9.48
N2 NDG F . 11.89 10.53 10.33
C2 BGC F . 17.64 13.54 9.99
C3 BGC F . 16.68 14.71 9.89
C4 BGC F . 15.50 14.43 10.77
C5 BGC F . 15.97 14.26 12.19
C6 BGC F . 14.79 14.06 13.12
C1 BGC F . 18.04 13.31 11.46
O2 BGC F . 18.78 13.78 9.17
O3 BGC F . 16.28 14.87 8.53
O4 BGC F . 14.58 15.52 10.70
O5 BGC F . 16.89 13.16 12.30
O6 BGC F . 14.99 14.89 14.27
S SO4 G . 17.94 -27.61 -30.62
O1 SO4 G . 18.79 -26.59 -31.26
O2 SO4 G . 18.79 -28.45 -29.75
O3 SO4 G . 17.27 -28.39 -31.69
O4 SO4 G . 16.91 -26.99 -29.78
S SO4 H . 15.74 15.94 17.26
O1 SO4 H . 16.70 17.01 17.62
O2 SO4 H . 16.46 14.65 17.09
O3 SO4 H . 15.04 16.31 16.01
O4 SO4 H . 14.74 15.85 18.34
#